data_7EU5
#
_entry.id   7EU5
#
_cell.length_a   60.737
_cell.length_b   62.543
_cell.length_c   71.491
_cell.angle_alpha   94.214
_cell.angle_beta   103.003
_cell.angle_gamma   103.651
#
_symmetry.space_group_name_H-M   'P 1'
#
loop_
_entity.id
_entity.type
_entity.pdbx_description
1 polymer 'Nicotinamide N-methyltransferase'
2 non-polymer S-ADENOSYL-L-HOMOCYSTEINE
3 non-polymer 6-fluoranyl-10-methyl-1,10-diazatricyclo[6.3.1.0^{4,12}]dodeca-4,6,8(12)-trien-11-imine
4 water water
#
_entity_poly.entity_id   1
_entity_poly.type   'polypeptide(L)'
_entity_poly.pdbx_seq_one_letter_code
;MGSSHHHHHHSSGLVPRGSHMESGFTSKDTYLSHFNPRDYLEKYYKFGSRHSAESQILKHLLKNLFKIFCLDGVKGDLLI
DIGSGPTIYQLLSACESFKEIVVTDYSDQNLQELEKWLKAAPAAFDWSPVVTYVCDLEGNRVKGPEKEEKLRQAVKQVLK
CDVTQSQPLGAVPLPPADCVLSTLCLDAACPDLPTYCRALRNLGSLLKPGGFLVIMDALKSSYYMIGEQKFSSLPLGREA
VEAAVKEAGYTIEWFEVISQSYSSTMANNEGLFSLVARKLS
;
_entity_poly.pdbx_strand_id   A,B,C,D
#
# COMPACT_ATOMS: atom_id res chain seq x y z
N PHE A 25 31.92 1.67 -28.36
CA PHE A 25 30.63 1.65 -27.64
C PHE A 25 29.93 2.98 -27.91
N THR A 26 28.61 2.95 -28.06
CA THR A 26 27.76 4.16 -28.16
C THR A 26 28.08 5.10 -27.02
N SER A 27 28.39 6.35 -27.33
CA SER A 27 28.70 7.40 -26.32
C SER A 27 27.43 8.15 -25.90
N LYS A 28 27.54 8.83 -24.76
CA LYS A 28 26.41 9.60 -24.14
C LYS A 28 25.95 10.69 -25.10
N ASP A 29 26.86 11.30 -25.86
CA ASP A 29 26.52 12.31 -26.91
C ASP A 29 25.74 11.67 -28.07
N THR A 30 26.00 10.40 -28.42
CA THR A 30 25.24 9.67 -29.48
C THR A 30 23.81 9.45 -28.97
N TYR A 31 23.62 9.39 -27.64
CA TYR A 31 22.26 9.25 -27.06
C TYR A 31 21.55 10.60 -27.11
N LEU A 32 22.33 11.67 -27.03
CA LEU A 32 21.79 13.06 -26.90
C LEU A 32 21.42 13.59 -28.27
N SER A 33 22.16 13.15 -29.30
CA SER A 33 22.01 13.58 -30.71
C SER A 33 21.14 12.61 -31.50
N HIS A 34 21.13 11.33 -31.18
CA HIS A 34 20.51 10.34 -32.09
C HIS A 34 19.45 9.42 -31.46
N PHE A 35 19.31 9.38 -30.15
CA PHE A 35 18.27 8.53 -29.53
C PHE A 35 16.90 9.14 -29.77
N ASN A 36 16.12 8.52 -30.66
CA ASN A 36 14.78 9.06 -30.99
C ASN A 36 13.68 8.41 -30.15
N PRO A 37 13.09 9.19 -29.22
CA PRO A 37 12.16 8.65 -28.23
C PRO A 37 10.81 8.24 -28.85
N ARG A 38 10.31 9.00 -29.81
CA ARG A 38 9.05 8.67 -30.54
C ARG A 38 9.26 7.39 -31.35
N ASP A 39 10.40 7.24 -32.01
CA ASP A 39 10.71 6.03 -32.82
C ASP A 39 10.87 4.84 -31.88
N TYR A 40 11.62 5.01 -30.78
CA TYR A 40 11.88 3.94 -29.77
C TYR A 40 10.57 3.36 -29.25
N LEU A 41 9.70 4.20 -28.74
CA LEU A 41 8.33 3.77 -28.31
C LEU A 41 7.56 3.03 -29.43
N GLU A 42 7.66 3.48 -30.68
CA GLU A 42 6.93 2.83 -31.81
C GLU A 42 7.49 1.43 -32.06
N LYS A 43 8.82 1.23 -32.02
CA LYS A 43 9.44 -0.09 -32.40
C LYS A 43 9.22 -1.16 -31.31
N TYR A 44 9.19 -0.75 -30.04
CA TYR A 44 9.21 -1.69 -28.89
C TYR A 44 7.92 -1.64 -28.07
N TYR A 45 7.26 -0.50 -27.90
CA TYR A 45 6.20 -0.37 -26.86
C TYR A 45 4.80 -0.09 -27.42
N LYS A 46 4.52 -0.50 -28.66
CA LYS A 46 3.16 -0.45 -29.26
C LYS A 46 2.52 -1.81 -29.08
N PHE A 47 1.94 -2.06 -27.92
CA PHE A 47 1.47 -3.42 -27.54
C PHE A 47 0.54 -3.92 -28.63
N GLY A 48 0.81 -5.10 -29.20
CA GLY A 48 0.16 -5.54 -30.44
C GLY A 48 -0.45 -6.93 -30.34
N SER A 49 -1.70 -7.06 -30.80
CA SER A 49 -2.47 -8.32 -30.85
C SER A 49 -1.66 -9.37 -31.59
N ARG A 50 -0.99 -8.96 -32.67
CA ARG A 50 -0.03 -9.81 -33.41
C ARG A 50 1.11 -10.08 -32.42
N HIS A 51 1.44 -11.35 -32.24
CA HIS A 51 2.31 -11.67 -31.08
C HIS A 51 3.77 -11.53 -31.42
N SER A 52 4.18 -10.29 -31.44
CA SER A 52 5.53 -9.82 -31.72
C SER A 52 6.45 -10.20 -30.57
N ALA A 53 7.66 -10.69 -30.91
CA ALA A 53 8.77 -10.88 -29.93
C ALA A 53 8.78 -9.75 -28.89
N GLU A 54 8.54 -8.54 -29.34
CA GLU A 54 8.53 -7.32 -28.51
C GLU A 54 7.33 -7.36 -27.55
N SER A 55 6.15 -7.75 -28.04
CA SER A 55 4.93 -7.80 -27.21
C SER A 55 5.12 -8.90 -26.17
N GLN A 56 5.68 -10.03 -26.58
CA GLN A 56 5.96 -11.17 -25.67
C GLN A 56 6.90 -10.69 -24.55
N ILE A 57 8.07 -10.18 -24.92
CA ILE A 57 9.06 -9.66 -23.93
C ILE A 57 8.36 -8.63 -23.04
N LEU A 58 7.58 -7.73 -23.61
CA LEU A 58 6.86 -6.70 -22.81
C LEU A 58 5.91 -7.40 -21.82
N LYS A 59 5.18 -8.41 -22.30
CA LYS A 59 4.28 -9.22 -21.45
C LYS A 59 5.12 -9.89 -20.38
N HIS A 60 6.35 -10.30 -20.71
CA HIS A 60 7.28 -10.95 -19.74
C HIS A 60 7.64 -9.95 -18.64
N LEU A 61 8.09 -8.78 -19.06
CA LEU A 61 8.44 -7.67 -18.14
C LEU A 61 7.22 -7.30 -17.32
N LEU A 62 6.07 -7.07 -17.95
CA LEU A 62 4.85 -6.67 -17.21
C LEU A 62 4.44 -7.67 -16.10
N LYS A 63 4.38 -8.98 -16.39
CA LYS A 63 4.08 -10.02 -15.36
C LYS A 63 5.21 -10.14 -14.30
N ASN A 64 6.45 -9.77 -14.58
CA ASN A 64 7.51 -9.84 -13.55
C ASN A 64 7.34 -8.67 -12.57
N LEU A 65 7.15 -7.46 -13.11
CA LEU A 65 6.99 -6.19 -12.33
C LEU A 65 5.72 -6.23 -11.47
N PHE A 66 4.69 -6.90 -11.93
CA PHE A 66 3.48 -7.16 -11.11
C PHE A 66 3.85 -8.10 -9.97
N LYS A 67 4.41 -9.24 -10.34
CA LYS A 67 4.94 -10.25 -9.40
C LYS A 67 5.74 -9.53 -8.32
N ILE A 68 6.70 -8.65 -8.69
CA ILE A 68 7.61 -7.99 -7.72
C ILE A 68 6.86 -6.96 -6.87
N PHE A 69 6.02 -6.12 -7.46
CA PHE A 69 5.50 -4.94 -6.72
C PHE A 69 4.14 -5.29 -6.09
N CYS A 70 3.48 -6.37 -6.53
CA CYS A 70 2.12 -6.68 -6.00
C CYS A 70 2.12 -7.96 -5.19
N LEU A 71 2.64 -9.05 -5.71
CA LEU A 71 2.65 -10.34 -4.98
C LEU A 71 3.75 -10.35 -3.90
N ASP A 72 4.98 -9.98 -4.26
CA ASP A 72 6.09 -9.97 -3.27
C ASP A 72 5.90 -8.76 -2.34
N GLY A 73 6.70 -8.69 -1.27
CA GLY A 73 6.58 -7.60 -0.28
C GLY A 73 7.47 -6.42 -0.65
N VAL A 74 7.44 -5.95 -1.91
CA VAL A 74 8.32 -4.82 -2.35
C VAL A 74 7.48 -3.54 -2.41
N LYS A 75 7.51 -2.82 -1.29
CA LYS A 75 6.76 -1.56 -1.07
C LYS A 75 7.61 -0.63 -0.22
N GLY A 76 7.41 0.67 -0.40
CA GLY A 76 8.16 1.70 0.35
C GLY A 76 7.54 3.06 0.20
N ASP A 77 8.19 4.08 0.77
CA ASP A 77 7.80 5.50 0.52
C ASP A 77 8.31 5.93 -0.87
N LEU A 78 9.63 5.86 -1.12
CA LEU A 78 10.28 6.42 -2.34
C LEU A 78 10.93 5.36 -3.25
N LEU A 79 10.53 5.39 -4.53
CA LEU A 79 11.11 4.59 -5.66
C LEU A 79 11.77 5.53 -6.66
N ILE A 80 13.05 5.33 -6.89
CA ILE A 80 13.77 6.03 -7.98
C ILE A 80 13.80 5.11 -9.18
N ASP A 81 13.48 5.64 -10.36
CA ASP A 81 13.62 4.89 -11.64
C ASP A 81 14.75 5.54 -12.41
N ILE A 82 15.75 4.74 -12.77
CA ILE A 82 17.02 5.15 -13.40
C ILE A 82 17.00 4.63 -14.85
N GLY A 83 17.28 5.49 -15.87
CA GLY A 83 17.22 5.10 -17.30
C GLY A 83 15.80 4.92 -17.78
N SER A 84 14.84 5.62 -17.19
CA SER A 84 13.38 5.56 -17.51
C SER A 84 13.14 5.52 -19.02
N GLY A 85 14.03 6.16 -19.79
CA GLY A 85 13.86 6.45 -21.22
C GLY A 85 12.64 7.34 -21.35
N PRO A 86 11.83 7.14 -22.43
CA PRO A 86 10.52 7.74 -22.66
C PRO A 86 9.29 6.94 -22.23
N THR A 87 9.52 5.85 -21.48
CA THR A 87 8.52 4.78 -21.13
C THR A 87 7.93 4.93 -19.71
N ILE A 88 6.67 4.49 -19.56
CA ILE A 88 5.97 4.51 -18.23
C ILE A 88 5.53 3.10 -17.81
N TYR A 89 5.81 2.08 -18.60
CA TYR A 89 5.30 0.69 -18.35
C TYR A 89 5.89 0.11 -17.05
N GLN A 90 7.15 0.44 -16.76
CA GLN A 90 7.92 -0.13 -15.60
C GLN A 90 7.38 0.45 -14.28
N LEU A 91 6.50 1.44 -14.36
CA LEU A 91 6.04 2.17 -13.17
C LEU A 91 4.58 1.84 -12.89
N LEU A 92 3.92 1.03 -13.69
CA LEU A 92 2.44 0.87 -13.58
C LEU A 92 2.03 -0.03 -12.39
N SER A 93 2.82 -1.07 -12.06
CA SER A 93 2.56 -1.86 -10.84
C SER A 93 3.25 -1.20 -9.64
N ALA A 94 4.38 -0.52 -9.88
CA ALA A 94 5.20 0.16 -8.86
C ALA A 94 4.37 1.21 -8.12
N CYS A 95 3.45 1.86 -8.80
CA CYS A 95 2.70 2.99 -8.19
C CYS A 95 1.66 2.46 -7.19
N GLU A 96 1.41 1.15 -7.19
CA GLU A 96 0.50 0.51 -6.20
C GLU A 96 1.20 0.40 -4.85
N SER A 97 2.54 0.35 -4.85
CA SER A 97 3.37 -0.03 -3.67
C SER A 97 4.27 1.11 -3.21
N PHE A 98 4.42 2.17 -3.97
CA PHE A 98 5.22 3.33 -3.53
C PHE A 98 4.35 4.57 -3.60
N LYS A 99 4.60 5.51 -2.69
CA LYS A 99 3.82 6.77 -2.62
C LYS A 99 4.45 7.78 -3.56
N GLU A 100 5.77 7.70 -3.72
CA GLU A 100 6.52 8.73 -4.47
C GLU A 100 7.41 8.01 -5.48
N ILE A 101 7.33 8.43 -6.73
CA ILE A 101 8.21 7.87 -7.80
C ILE A 101 8.96 9.00 -8.46
N VAL A 102 10.28 8.91 -8.45
CA VAL A 102 11.12 9.87 -9.19
C VAL A 102 11.59 9.15 -10.43
N VAL A 103 11.47 9.78 -11.61
CA VAL A 103 11.85 9.16 -12.91
C VAL A 103 13.07 9.87 -13.43
N THR A 104 14.03 9.15 -13.97
CA THR A 104 15.28 9.79 -14.47
C THR A 104 15.75 9.19 -15.80
N ASP A 105 16.39 10.01 -16.61
CA ASP A 105 17.13 9.55 -17.82
C ASP A 105 18.27 10.52 -18.12
N TYR A 106 19.26 10.04 -18.82
CA TYR A 106 20.41 10.87 -19.22
C TYR A 106 20.00 11.80 -20.36
N SER A 107 18.99 11.41 -21.12
CA SER A 107 18.58 12.14 -22.33
C SER A 107 17.40 13.07 -22.01
N ASP A 108 17.56 14.36 -22.22
CA ASP A 108 16.49 15.35 -21.95
C ASP A 108 15.28 15.01 -22.83
N GLN A 109 15.53 14.84 -24.12
CA GLN A 109 14.44 14.62 -25.11
C GLN A 109 13.56 13.49 -24.59
N ASN A 110 14.16 12.46 -24.00
CA ASN A 110 13.44 11.31 -23.39
C ASN A 110 12.56 11.83 -22.27
N LEU A 111 13.13 12.67 -21.40
CA LEU A 111 12.38 13.23 -20.25
C LEU A 111 11.25 14.16 -20.77
N GLN A 112 11.46 14.78 -21.93
CA GLN A 112 10.43 15.63 -22.58
C GLN A 112 9.24 14.77 -23.04
N GLU A 113 9.52 13.58 -23.58
CA GLU A 113 8.47 12.64 -23.99
C GLU A 113 7.70 12.16 -22.77
N LEU A 114 8.41 11.70 -21.75
CA LEU A 114 7.79 11.19 -20.50
C LEU A 114 6.77 12.21 -20.00
N GLU A 115 7.18 13.48 -19.91
CA GLU A 115 6.39 14.61 -19.32
C GLU A 115 5.09 14.84 -20.08
N LYS A 116 5.09 14.59 -21.40
CA LYS A 116 3.88 14.74 -22.26
C LYS A 116 2.79 13.85 -21.68
N TRP A 117 3.18 12.66 -21.28
CA TRP A 117 2.22 11.68 -20.72
C TRP A 117 1.78 12.13 -19.34
N LEU A 118 2.72 12.55 -18.50
CA LEU A 118 2.45 13.02 -17.11
C LEU A 118 1.39 14.12 -17.14
N LYS A 119 1.53 15.08 -18.07
CA LYS A 119 0.60 16.23 -18.31
C LYS A 119 -0.70 15.79 -19.00
N ALA A 120 -0.79 14.51 -19.36
CA ALA A 120 -1.87 13.95 -20.20
C ALA A 120 -2.00 14.81 -21.45
N ALA A 121 -0.89 15.08 -22.11
CA ALA A 121 -0.90 15.78 -23.43
C ALA A 121 -1.61 14.91 -24.46
N PRO A 122 -2.57 15.45 -25.23
CA PRO A 122 -3.15 14.65 -26.30
C PRO A 122 -2.14 14.24 -27.40
N ALA A 123 -0.88 14.67 -27.32
CA ALA A 123 0.17 14.26 -28.28
C ALA A 123 1.17 13.31 -27.63
N ALA A 124 0.89 12.90 -26.39
CA ALA A 124 1.64 11.83 -25.71
C ALA A 124 1.46 10.48 -26.39
N PHE A 125 2.40 9.57 -26.15
CA PHE A 125 2.32 8.19 -26.69
C PHE A 125 1.06 7.55 -26.11
N ASP A 126 0.43 6.72 -26.90
CA ASP A 126 -0.76 5.94 -26.47
C ASP A 126 -0.31 4.67 -25.78
N TRP A 127 -0.54 4.58 -24.49
CA TRP A 127 -0.05 3.44 -23.64
C TRP A 127 -1.16 2.44 -23.31
N SER A 128 -2.43 2.82 -23.52
CA SER A 128 -3.64 2.16 -22.92
C SER A 128 -3.68 0.64 -23.11
N PRO A 129 -3.31 0.05 -24.27
CA PRO A 129 -3.14 -1.41 -24.35
C PRO A 129 -2.31 -1.98 -23.18
N VAL A 130 -1.19 -1.32 -22.85
CA VAL A 130 -0.31 -1.70 -21.71
C VAL A 130 -1.05 -1.42 -20.39
N VAL A 131 -1.69 -0.28 -20.28
CA VAL A 131 -2.43 0.10 -19.04
C VAL A 131 -3.57 -0.90 -18.84
N THR A 132 -4.12 -1.42 -19.93
CA THR A 132 -5.22 -2.42 -19.88
C THR A 132 -4.67 -3.77 -19.42
N TYR A 133 -3.53 -4.16 -19.96
CA TYR A 133 -2.86 -5.43 -19.61
C TYR A 133 -2.54 -5.45 -18.12
N VAL A 134 -1.97 -4.36 -17.61
CA VAL A 134 -1.59 -4.31 -16.17
C VAL A 134 -2.88 -4.27 -15.34
N CYS A 135 -3.78 -3.34 -15.65
CA CYS A 135 -5.10 -3.26 -14.95
C CYS A 135 -5.72 -4.66 -14.91
N ASP A 136 -5.37 -5.51 -15.86
CA ASP A 136 -5.80 -6.93 -15.84
C ASP A 136 -4.97 -7.75 -14.84
N LEU A 137 -3.64 -7.75 -14.94
CA LEU A 137 -2.81 -8.63 -14.07
C LEU A 137 -3.23 -8.39 -12.62
N GLU A 138 -3.57 -7.15 -12.28
CA GLU A 138 -3.97 -6.73 -10.91
C GLU A 138 -5.45 -7.05 -10.65
N GLY A 139 -6.04 -7.90 -11.48
CA GLY A 139 -7.39 -8.46 -11.26
C GLY A 139 -8.48 -7.41 -11.37
N ASN A 140 -8.38 -6.54 -12.40
CA ASN A 140 -9.39 -5.50 -12.83
C ASN A 140 -9.99 -4.72 -11.67
N ARG A 141 -9.29 -4.63 -10.53
CA ARG A 141 -9.80 -3.83 -9.40
C ARG A 141 -10.06 -2.39 -9.89
N VAL A 142 -9.30 -1.91 -10.89
CA VAL A 142 -9.37 -0.49 -11.38
C VAL A 142 -9.47 -0.44 -12.90
N LYS A 143 -10.10 0.63 -13.40
CA LYS A 143 -10.20 0.97 -14.85
C LYS A 143 -8.90 1.67 -15.27
N GLY A 144 -8.67 1.75 -16.58
CA GLY A 144 -7.52 2.45 -17.21
C GLY A 144 -7.33 3.88 -16.71
N PRO A 145 -8.36 4.76 -16.84
CA PRO A 145 -8.33 6.14 -16.34
C PRO A 145 -7.70 6.30 -14.96
N GLU A 146 -8.17 5.48 -14.05
CA GLU A 146 -7.82 5.61 -12.61
C GLU A 146 -6.59 4.82 -12.24
N LYS A 147 -6.10 3.94 -13.07
CA LYS A 147 -4.73 3.45 -12.82
C LYS A 147 -3.72 4.48 -13.34
N GLU A 148 -4.08 5.20 -14.41
CA GLU A 148 -3.24 6.28 -15.00
C GLU A 148 -3.14 7.45 -14.01
N GLU A 149 -4.21 7.75 -13.28
CA GLU A 149 -4.19 8.91 -12.35
C GLU A 149 -3.47 8.53 -11.05
N LYS A 150 -3.30 7.22 -10.82
CA LYS A 150 -2.47 6.74 -9.69
C LYS A 150 -1.00 7.02 -9.99
N LEU A 151 -0.57 6.66 -11.20
CA LEU A 151 0.84 6.85 -11.64
C LEU A 151 1.18 8.35 -11.74
N ARG A 152 0.26 9.14 -12.28
CA ARG A 152 0.57 10.56 -12.54
C ARG A 152 0.88 11.22 -11.19
N GLN A 153 0.06 10.98 -10.17
CA GLN A 153 0.21 11.62 -8.84
C GLN A 153 1.42 11.06 -8.13
N ALA A 154 1.74 9.80 -8.34
CA ALA A 154 2.93 9.14 -7.75
C ALA A 154 4.24 9.76 -8.24
N VAL A 155 4.28 10.22 -9.50
CA VAL A 155 5.56 10.75 -10.06
C VAL A 155 5.71 12.21 -9.64
N LYS A 156 6.65 12.44 -8.74
CA LYS A 156 6.87 13.73 -8.02
C LYS A 156 7.97 14.52 -8.69
N GLN A 157 8.97 13.85 -9.25
CA GLN A 157 10.16 14.52 -9.78
C GLN A 157 10.61 13.81 -11.05
N VAL A 158 10.99 14.60 -12.05
CA VAL A 158 11.55 14.11 -13.34
C VAL A 158 12.92 14.76 -13.51
N LEU A 159 14.00 13.99 -13.45
CA LEU A 159 15.36 14.58 -13.28
C LEU A 159 16.35 14.02 -14.29
N LYS A 160 17.30 14.86 -14.67
CA LYS A 160 18.50 14.42 -15.41
C LYS A 160 19.21 13.37 -14.58
N CYS A 161 19.86 12.41 -15.21
CA CYS A 161 20.53 11.32 -14.50
C CYS A 161 21.76 10.81 -15.24
N ASP A 162 22.75 10.32 -14.50
CA ASP A 162 23.96 9.69 -15.12
C ASP A 162 24.60 8.64 -14.20
N VAL A 163 24.43 7.36 -14.55
CA VAL A 163 24.85 6.18 -13.74
C VAL A 163 26.39 6.06 -13.70
N THR A 164 27.14 6.78 -14.52
CA THR A 164 28.62 6.75 -14.46
C THR A 164 29.13 7.63 -13.30
N GLN A 165 28.39 8.68 -12.96
CA GLN A 165 28.75 9.61 -11.84
C GLN A 165 28.45 8.96 -10.50
N SER A 166 29.30 9.21 -9.51
CA SER A 166 29.13 8.62 -8.16
C SER A 166 27.94 9.29 -7.47
N GLN A 167 27.53 10.46 -7.95
CA GLN A 167 26.20 11.03 -7.57
C GLN A 167 25.37 11.14 -8.83
N PRO A 168 24.71 10.05 -9.25
CA PRO A 168 24.08 9.94 -10.56
C PRO A 168 23.00 11.01 -10.81
N LEU A 169 22.43 11.55 -9.74
CA LEU A 169 21.46 12.67 -9.85
C LEU A 169 22.13 14.03 -9.61
N GLY A 170 23.44 14.08 -9.41
CA GLY A 170 24.18 15.32 -9.15
C GLY A 170 23.86 15.90 -7.78
N ALA A 171 23.62 17.22 -7.71
CA ALA A 171 23.40 17.96 -6.44
C ALA A 171 22.06 17.58 -5.79
N VAL A 172 21.06 17.25 -6.62
CA VAL A 172 19.62 17.15 -6.22
C VAL A 172 19.44 16.38 -4.91
N PRO A 173 18.90 17.08 -3.90
CA PRO A 173 18.57 16.49 -2.62
C PRO A 173 17.44 15.49 -2.78
N LEU A 174 17.69 14.27 -2.31
CA LEU A 174 16.64 13.24 -2.16
C LEU A 174 16.92 12.44 -0.91
N PRO A 175 15.87 12.15 -0.13
CA PRO A 175 15.99 11.22 0.99
C PRO A 175 16.52 9.89 0.49
N PRO A 176 17.07 9.02 1.36
CA PRO A 176 17.44 7.72 0.88
C PRO A 176 16.15 7.02 0.45
N ALA A 177 16.22 6.34 -0.69
CA ALA A 177 15.05 5.67 -1.28
C ALA A 177 14.99 4.23 -0.76
N ASP A 178 13.81 3.64 -0.90
CA ASP A 178 13.51 2.26 -0.43
C ASP A 178 13.75 1.27 -1.58
N CYS A 179 13.79 1.78 -2.82
CA CYS A 179 13.92 0.97 -4.05
C CYS A 179 14.47 1.78 -5.23
N VAL A 180 15.51 1.22 -5.86
CA VAL A 180 16.02 1.69 -7.17
C VAL A 180 15.61 0.69 -8.25
N LEU A 181 15.11 1.21 -9.37
CA LEU A 181 14.60 0.43 -10.51
C LEU A 181 15.40 0.79 -11.77
N SER A 182 15.79 -0.20 -12.55
CA SER A 182 16.50 0.08 -13.82
C SER A 182 16.08 -0.94 -14.86
N THR A 183 15.42 -0.48 -15.91
CA THR A 183 14.94 -1.37 -16.98
C THR A 183 15.75 -1.07 -18.24
N LEU A 184 16.54 -2.03 -18.66
CA LEU A 184 17.12 -2.02 -20.00
C LEU A 184 17.88 -0.74 -20.13
N CYS A 185 18.66 -0.40 -19.13
CA CYS A 185 19.40 0.88 -19.08
C CYS A 185 20.91 0.61 -19.00
N LEU A 186 21.28 -0.27 -18.07
CA LEU A 186 22.68 -0.41 -17.61
C LEU A 186 23.47 -1.16 -18.65
N ASP A 187 22.83 -2.01 -19.43
CA ASP A 187 23.45 -2.56 -20.66
C ASP A 187 23.75 -1.45 -21.66
N ALA A 188 22.82 -0.49 -21.78
CA ALA A 188 22.92 0.63 -22.74
C ALA A 188 24.01 1.60 -22.28
N ALA A 189 24.20 1.72 -20.96
CA ALA A 189 24.87 2.88 -20.36
C ALA A 189 26.35 2.59 -20.04
N CYS A 190 26.74 1.32 -19.95
CA CYS A 190 28.06 0.92 -19.42
C CYS A 190 28.86 0.28 -20.53
N PRO A 191 30.01 0.88 -20.94
CA PRO A 191 30.86 0.27 -21.97
C PRO A 191 31.52 -1.07 -21.55
N ASP A 192 31.62 -1.35 -20.25
CA ASP A 192 32.35 -2.54 -19.70
C ASP A 192 31.94 -2.90 -18.26
N LEU A 193 32.41 -4.05 -17.79
CA LEU A 193 32.10 -4.60 -16.44
C LEU A 193 32.57 -3.65 -15.36
N PRO A 194 33.82 -3.13 -15.39
CA PRO A 194 34.22 -2.20 -14.35
C PRO A 194 33.18 -1.07 -14.27
N THR A 195 32.84 -0.46 -15.41
CA THR A 195 31.87 0.67 -15.43
C THR A 195 30.52 0.19 -14.90
N TYR A 196 30.11 -0.99 -15.36
CA TYR A 196 28.85 -1.65 -14.95
C TYR A 196 28.83 -1.78 -13.44
N CYS A 197 29.87 -2.37 -12.86
CA CYS A 197 29.89 -2.62 -11.40
C CYS A 197 29.96 -1.31 -10.62
N ARG A 198 30.61 -0.30 -11.20
CA ARG A 198 30.74 1.05 -10.59
C ARG A 198 29.33 1.62 -10.50
N ALA A 199 28.58 1.51 -11.60
CA ALA A 199 27.23 2.09 -11.76
C ALA A 199 26.30 1.50 -10.70
N LEU A 200 26.50 0.23 -10.37
CA LEU A 200 25.65 -0.49 -9.39
C LEU A 200 25.86 0.14 -8.00
N ARG A 201 27.12 0.37 -7.61
CA ARG A 201 27.46 0.98 -6.29
C ARG A 201 26.82 2.37 -6.20
N ASN A 202 26.89 3.11 -7.29
CA ASN A 202 26.45 4.52 -7.36
C ASN A 202 24.95 4.65 -7.17
N LEU A 203 24.19 3.64 -7.59
CA LEU A 203 22.71 3.63 -7.46
C LEU A 203 22.40 3.27 -6.01
N GLY A 204 23.30 2.49 -5.40
CA GLY A 204 23.25 2.13 -3.96
C GLY A 204 23.36 3.35 -3.07
N SER A 205 24.07 4.38 -3.54
CA SER A 205 24.23 5.67 -2.82
C SER A 205 22.88 6.36 -2.62
N LEU A 206 21.87 5.94 -3.39
CA LEU A 206 20.50 6.50 -3.33
C LEU A 206 19.61 5.60 -2.47
N LEU A 207 20.15 4.50 -1.93
CA LEU A 207 19.30 3.49 -1.26
C LEU A 207 19.64 3.32 0.22
N LYS A 208 18.59 3.30 1.06
CA LYS A 208 18.65 2.82 2.46
C LYS A 208 19.30 1.44 2.50
N PRO A 209 20.27 1.22 3.42
CA PRO A 209 20.65 -0.13 3.82
C PRO A 209 19.43 -1.06 3.83
N GLY A 210 19.63 -2.27 3.28
CA GLY A 210 18.57 -3.28 3.11
C GLY A 210 17.45 -2.76 2.22
N GLY A 211 17.82 -1.95 1.20
CA GLY A 211 16.88 -1.33 0.25
C GLY A 211 16.91 -2.07 -1.07
N PHE A 212 15.75 -2.20 -1.72
CA PHE A 212 15.54 -3.08 -2.89
C PHE A 212 16.15 -2.49 -4.16
N LEU A 213 16.77 -3.37 -4.93
CA LEU A 213 17.31 -3.04 -6.28
C LEU A 213 16.67 -3.99 -7.29
N VAL A 214 16.04 -3.42 -8.30
CA VAL A 214 15.32 -4.19 -9.35
C VAL A 214 15.97 -3.86 -10.69
N ILE A 215 16.42 -4.88 -11.40
CA ILE A 215 17.08 -4.73 -12.72
C ILE A 215 16.45 -5.72 -13.69
N MET A 216 16.00 -5.23 -14.84
CA MET A 216 15.56 -6.15 -15.89
C MET A 216 16.37 -5.79 -17.13
N ASP A 217 17.18 -6.71 -17.62
CA ASP A 217 17.97 -6.38 -18.83
C ASP A 217 18.24 -7.62 -19.70
N ALA A 218 18.95 -7.36 -20.80
CA ALA A 218 19.32 -8.36 -21.83
C ALA A 218 20.58 -9.14 -21.44
N LEU A 219 20.60 -10.39 -21.92
CA LEU A 219 21.71 -11.34 -21.70
C LEU A 219 22.30 -11.63 -23.04
N LYS A 220 23.65 -11.61 -23.09
CA LYS A 220 24.49 -11.97 -24.25
C LYS A 220 24.04 -11.20 -25.50
N SER A 221 24.31 -9.92 -25.51
CA SER A 221 23.77 -8.93 -26.47
C SER A 221 24.80 -7.83 -26.66
N SER A 222 25.08 -7.45 -27.91
CA SER A 222 26.07 -6.38 -28.25
C SER A 222 25.42 -5.16 -28.89
N TYR A 223 24.19 -5.25 -29.39
CA TYR A 223 23.50 -4.08 -30.00
C TYR A 223 21.96 -4.14 -29.85
N TYR A 224 21.32 -3.00 -30.13
CA TYR A 224 19.86 -2.89 -30.36
C TYR A 224 19.60 -1.67 -31.25
N MET A 225 18.56 -1.74 -32.07
CA MET A 225 18.30 -0.72 -33.11
C MET A 225 17.13 0.15 -32.67
N ILE A 226 17.21 1.46 -32.94
CA ILE A 226 16.01 2.35 -32.91
C ILE A 226 15.84 2.90 -34.33
N GLY A 227 15.09 2.18 -35.19
CA GLY A 227 15.00 2.52 -36.63
C GLY A 227 16.26 2.15 -37.39
N GLU A 228 16.84 3.12 -38.13
CA GLU A 228 18.07 2.90 -38.94
C GLU A 228 19.29 2.89 -38.01
N GLN A 229 19.08 3.41 -36.79
CA GLN A 229 20.16 3.80 -35.85
C GLN A 229 20.51 2.66 -34.89
N LYS A 230 21.82 2.39 -34.80
CA LYS A 230 22.47 1.31 -34.01
C LYS A 230 23.08 1.83 -32.69
N PHE A 231 22.76 1.15 -31.60
CA PHE A 231 23.19 1.46 -30.23
C PHE A 231 23.82 0.20 -29.66
N SER A 232 24.96 0.36 -29.00
CA SER A 232 25.66 -0.78 -28.37
C SER A 232 24.87 -1.26 -27.15
N SER A 233 25.28 -2.44 -26.67
CA SER A 233 24.75 -3.06 -25.43
C SER A 233 25.85 -3.92 -24.83
N LEU A 234 26.16 -3.73 -23.55
CA LEU A 234 27.20 -4.52 -22.84
C LEU A 234 26.84 -6.01 -22.93
N PRO A 235 27.70 -6.84 -23.58
CA PRO A 235 27.41 -8.26 -23.74
C PRO A 235 27.76 -9.00 -22.45
N LEU A 236 26.76 -9.36 -21.66
CA LEU A 236 27.07 -9.95 -20.34
C LEU A 236 26.12 -11.10 -20.00
N GLY A 237 26.69 -12.09 -19.33
CA GLY A 237 26.03 -13.36 -19.01
C GLY A 237 25.57 -13.39 -17.57
N ARG A 238 24.90 -14.49 -17.24
CA ARG A 238 24.25 -14.78 -15.93
C ARG A 238 25.27 -14.62 -14.81
N GLU A 239 26.44 -15.24 -14.98
CA GLU A 239 27.55 -15.22 -14.00
C GLU A 239 28.07 -13.79 -13.80
N ALA A 240 28.44 -13.12 -14.90
CA ALA A 240 28.99 -11.74 -14.88
C ALA A 240 28.01 -10.84 -14.14
N VAL A 241 26.72 -10.83 -14.53
CA VAL A 241 25.69 -9.97 -13.86
C VAL A 241 25.71 -10.20 -12.35
N GLU A 242 25.45 -11.45 -11.91
CA GLU A 242 25.31 -11.81 -10.46
C GLU A 242 26.63 -11.56 -9.71
N ALA A 243 27.79 -11.65 -10.35
CA ALA A 243 29.09 -11.31 -9.74
C ALA A 243 29.23 -9.81 -9.47
N ALA A 244 28.79 -8.98 -10.40
CA ALA A 244 28.91 -7.51 -10.30
C ALA A 244 28.02 -6.99 -9.15
N VAL A 245 26.88 -7.61 -8.90
CA VAL A 245 25.87 -7.12 -7.91
C VAL A 245 26.40 -7.40 -6.49
N LYS A 246 26.98 -8.58 -6.29
CA LYS A 246 27.70 -8.91 -5.04
C LYS A 246 28.80 -7.85 -4.82
N GLU A 247 29.71 -7.71 -5.78
CA GLU A 247 30.81 -6.71 -5.74
C GLU A 247 30.27 -5.37 -5.24
N ALA A 248 29.08 -4.98 -5.68
CA ALA A 248 28.59 -3.59 -5.52
C ALA A 248 27.93 -3.37 -4.17
N GLY A 249 27.80 -4.39 -3.31
CA GLY A 249 27.28 -4.22 -1.93
C GLY A 249 25.87 -4.73 -1.75
N TYR A 250 25.48 -5.66 -2.64
CA TYR A 250 24.12 -6.22 -2.70
C TYR A 250 24.16 -7.71 -2.42
N THR A 251 23.08 -8.19 -1.80
CA THR A 251 22.78 -9.65 -1.65
C THR A 251 21.52 -10.00 -2.46
N ILE A 252 21.59 -10.99 -3.36
CA ILE A 252 20.43 -11.28 -4.24
C ILE A 252 19.41 -12.16 -3.53
N GLU A 253 18.14 -11.76 -3.57
CA GLU A 253 17.00 -12.54 -3.02
C GLU A 253 16.43 -13.48 -4.12
N TRP A 254 16.34 -13.02 -5.38
CA TRP A 254 15.83 -13.86 -6.50
C TRP A 254 16.52 -13.44 -7.79
N PHE A 255 16.79 -14.39 -8.68
CA PHE A 255 17.43 -14.14 -9.99
C PHE A 255 16.80 -15.05 -11.04
N GLU A 256 16.43 -14.50 -12.19
CA GLU A 256 15.59 -15.23 -13.18
C GLU A 256 16.12 -15.02 -14.58
N VAL A 257 16.01 -16.00 -15.43
CA VAL A 257 16.63 -15.95 -16.80
C VAL A 257 15.63 -16.56 -17.80
N ILE A 258 14.96 -15.76 -18.62
CA ILE A 258 14.04 -16.35 -19.64
C ILE A 258 14.84 -16.39 -20.93
N SER A 259 14.48 -17.30 -21.82
CA SER A 259 15.23 -17.53 -23.07
C SER A 259 14.64 -16.74 -24.25
N GLN A 260 13.51 -16.07 -24.04
CA GLN A 260 12.83 -15.20 -25.03
C GLN A 260 13.77 -14.08 -25.47
N SER A 261 13.82 -13.83 -26.79
CA SER A 261 14.71 -12.82 -27.45
C SER A 261 13.92 -11.79 -28.24
N TYR A 262 14.59 -10.71 -28.62
CA TYR A 262 13.98 -9.64 -29.44
C TYR A 262 13.99 -10.12 -30.89
N SER A 263 13.27 -9.47 -31.79
CA SER A 263 13.36 -9.87 -33.21
C SER A 263 14.82 -9.79 -33.64
N SER A 264 15.25 -10.64 -34.54
CA SER A 264 16.64 -10.69 -35.07
C SER A 264 17.01 -9.40 -35.81
N THR A 265 16.03 -8.56 -36.16
CA THR A 265 16.19 -7.31 -36.96
C THR A 265 16.54 -6.13 -36.08
N MET A 266 16.31 -6.34 -34.81
CA MET A 266 16.37 -5.40 -33.67
C MET A 266 17.48 -5.70 -32.68
N ALA A 267 17.78 -6.96 -32.27
CA ALA A 267 18.72 -7.23 -31.16
C ALA A 267 19.34 -8.59 -31.33
N ASN A 268 20.43 -8.85 -30.59
CA ASN A 268 21.15 -10.13 -30.75
C ASN A 268 21.26 -10.88 -29.41
N ASN A 269 20.36 -10.59 -28.48
CA ASN A 269 20.43 -11.17 -27.13
C ASN A 269 20.07 -12.66 -27.16
N GLU A 270 20.36 -13.38 -26.08
CA GLU A 270 19.91 -14.80 -25.94
C GLU A 270 18.80 -14.91 -24.88
N GLY A 271 18.55 -13.82 -24.15
CA GLY A 271 17.45 -13.79 -23.19
C GLY A 271 17.48 -12.55 -22.34
N LEU A 272 16.76 -12.62 -21.23
CA LEU A 272 16.59 -11.48 -20.30
C LEU A 272 16.65 -12.02 -18.89
N PHE A 273 17.29 -11.22 -18.03
CA PHE A 273 17.38 -11.55 -16.59
C PHE A 273 16.56 -10.52 -15.85
N SER A 274 15.99 -10.95 -14.74
CA SER A 274 15.36 -10.06 -13.75
C SER A 274 15.97 -10.41 -12.40
N LEU A 275 16.16 -9.41 -11.54
CA LEU A 275 16.63 -9.68 -10.16
C LEU A 275 16.10 -8.68 -9.14
N VAL A 276 15.78 -9.20 -7.96
CA VAL A 276 15.57 -8.39 -6.73
C VAL A 276 16.79 -8.59 -5.83
N ALA A 277 17.45 -7.47 -5.53
CA ALA A 277 18.63 -7.41 -4.63
C ALA A 277 18.36 -6.50 -3.41
N ARG A 278 19.29 -6.54 -2.46
CA ARG A 278 19.22 -5.76 -1.22
C ARG A 278 20.59 -5.15 -0.95
N LYS A 279 20.60 -3.98 -0.31
CA LYS A 279 21.86 -3.26 0.00
C LYS A 279 22.43 -3.69 1.37
N LEU A 280 23.60 -4.32 1.35
CA LEU A 280 24.33 -4.66 2.60
C LEU A 280 24.45 -3.40 3.46
N THR B 26 19.30 -42.95 2.75
CA THR B 26 19.17 -42.96 1.28
C THR B 26 18.05 -43.93 0.85
N SER B 27 18.28 -45.25 1.05
CA SER B 27 17.57 -46.40 0.41
C SER B 27 16.06 -46.18 0.23
N LYS B 28 15.49 -46.69 -0.87
CA LYS B 28 14.05 -46.47 -1.25
C LYS B 28 13.12 -47.21 -0.26
N ASP B 29 13.57 -48.31 0.37
CA ASP B 29 12.80 -48.93 1.50
C ASP B 29 12.69 -47.96 2.68
N THR B 30 13.62 -47.02 2.83
CA THR B 30 13.56 -45.95 3.85
C THR B 30 12.34 -45.09 3.54
N TYR B 31 11.90 -45.05 2.26
CA TYR B 31 10.69 -44.25 1.87
C TYR B 31 9.42 -45.06 2.12
N LEU B 32 9.51 -46.38 2.16
CA LEU B 32 8.36 -47.29 2.46
C LEU B 32 8.29 -47.56 3.97
N SER B 33 9.41 -47.44 4.69
CA SER B 33 9.46 -47.70 6.15
C SER B 33 9.36 -46.37 6.90
N HIS B 34 10.29 -45.45 6.66
CA HIS B 34 10.55 -44.36 7.63
C HIS B 34 9.79 -43.06 7.26
N PHE B 35 9.38 -42.89 6.01
CA PHE B 35 8.68 -41.64 5.63
C PHE B 35 7.27 -41.68 6.21
N ASN B 36 7.02 -40.80 7.16
CA ASN B 36 5.67 -40.58 7.71
C ASN B 36 4.98 -39.43 6.99
N PRO B 37 3.84 -39.66 6.29
CA PRO B 37 3.16 -38.59 5.56
C PRO B 37 2.47 -37.57 6.48
N ARG B 38 1.78 -38.02 7.52
CA ARG B 38 1.03 -37.11 8.44
C ARG B 38 2.04 -36.17 9.11
N ASP B 39 3.22 -36.69 9.47
CA ASP B 39 4.32 -35.92 10.15
C ASP B 39 5.04 -34.95 9.23
N TYR B 40 5.35 -35.39 8.02
CA TYR B 40 5.92 -34.56 6.93
C TYR B 40 5.09 -33.30 6.72
N LEU B 41 3.76 -33.46 6.57
CA LEU B 41 2.80 -32.34 6.33
C LEU B 41 2.81 -31.36 7.51
N GLU B 42 2.77 -31.87 8.73
CA GLU B 42 2.92 -31.05 9.96
C GLU B 42 4.19 -30.21 9.87
N LYS B 43 5.33 -30.84 9.63
CA LYS B 43 6.65 -30.17 9.72
C LYS B 43 6.75 -29.09 8.61
N TYR B 44 6.22 -29.35 7.42
CA TYR B 44 6.52 -28.48 6.25
C TYR B 44 5.32 -27.72 5.75
N TYR B 45 4.11 -28.25 5.87
CA TYR B 45 2.95 -27.72 5.08
C TYR B 45 1.76 -27.26 5.91
N LYS B 46 2.00 -26.67 7.08
CA LYS B 46 0.97 -26.00 7.92
C LYS B 46 1.20 -24.49 7.87
N PHE B 47 0.51 -23.77 7.03
CA PHE B 47 0.75 -22.32 6.88
C PHE B 47 0.57 -21.66 8.25
N GLY B 48 1.41 -20.68 8.61
CA GLY B 48 1.36 -20.00 9.94
C GLY B 48 1.52 -18.49 9.84
N SER B 49 1.04 -17.77 10.85
CA SER B 49 1.15 -16.28 10.95
C SER B 49 2.59 -15.85 11.22
N ARG B 50 3.34 -16.62 12.02
CA ARG B 50 4.80 -16.43 12.27
C ARG B 50 5.57 -16.77 10.98
N HIS B 51 6.37 -15.83 10.47
CA HIS B 51 7.01 -16.00 9.14
C HIS B 51 8.14 -17.04 9.26
N SER B 52 7.76 -18.31 9.23
CA SER B 52 8.70 -19.45 9.27
C SER B 52 9.39 -19.54 7.91
N ALA B 53 10.62 -20.07 7.86
CA ALA B 53 11.33 -20.33 6.60
C ALA B 53 10.52 -21.36 5.79
N GLU B 54 9.69 -22.17 6.45
CA GLU B 54 8.84 -23.18 5.77
C GLU B 54 7.63 -22.50 5.17
N SER B 55 6.98 -21.61 5.91
CA SER B 55 5.86 -20.76 5.40
C SER B 55 6.37 -19.86 4.25
N GLN B 56 7.49 -19.17 4.45
CA GLN B 56 8.09 -18.27 3.42
C GLN B 56 8.34 -19.05 2.12
N ILE B 57 8.89 -20.25 2.21
CA ILE B 57 9.16 -21.07 1.01
C ILE B 57 7.84 -21.51 0.39
N LEU B 58 6.85 -21.85 1.20
CA LEU B 58 5.57 -22.34 0.62
C LEU B 58 4.93 -21.19 -0.14
N LYS B 59 4.87 -20.03 0.48
CA LYS B 59 4.33 -18.81 -0.15
C LYS B 59 5.00 -18.66 -1.50
N HIS B 60 6.30 -18.95 -1.60
CA HIS B 60 7.07 -18.73 -2.85
C HIS B 60 6.76 -19.83 -3.88
N LEU B 61 6.52 -21.04 -3.41
CA LEU B 61 6.15 -22.14 -4.33
C LEU B 61 4.77 -21.85 -4.90
N LEU B 62 3.78 -21.59 -4.04
CA LEU B 62 2.43 -21.25 -4.52
C LEU B 62 2.48 -20.13 -5.56
N LYS B 63 3.25 -19.07 -5.32
CA LYS B 63 3.32 -17.92 -6.27
C LYS B 63 3.89 -18.34 -7.64
N ASN B 64 4.96 -19.12 -7.69
CA ASN B 64 5.55 -19.54 -8.99
C ASN B 64 4.52 -20.35 -9.75
N LEU B 65 3.92 -21.33 -9.09
CA LEU B 65 2.87 -22.19 -9.70
C LEU B 65 1.67 -21.34 -10.13
N PHE B 66 1.37 -20.24 -9.45
CA PHE B 66 0.32 -19.31 -9.91
C PHE B 66 0.73 -18.68 -11.23
N LYS B 67 1.84 -17.95 -11.22
CA LYS B 67 2.49 -17.37 -12.44
C LYS B 67 2.58 -18.46 -13.53
N ILE B 68 3.19 -19.61 -13.25
CA ILE B 68 3.38 -20.63 -14.32
C ILE B 68 2.02 -21.08 -14.87
N PHE B 69 1.00 -21.25 -14.03
CA PHE B 69 -0.28 -21.91 -14.48
C PHE B 69 -1.38 -20.89 -14.77
N CYS B 70 -1.35 -19.69 -14.20
CA CYS B 70 -2.42 -18.69 -14.47
C CYS B 70 -1.92 -17.56 -15.33
N LEU B 71 -0.69 -17.10 -15.10
CA LEU B 71 -0.19 -15.87 -15.77
C LEU B 71 0.50 -16.25 -17.07
N ASP B 72 1.32 -17.29 -17.06
CA ASP B 72 1.96 -17.77 -18.30
C ASP B 72 0.85 -18.42 -19.13
N GLY B 73 1.19 -19.16 -20.18
CA GLY B 73 0.17 -19.88 -20.98
C GLY B 73 0.31 -21.39 -20.86
N VAL B 74 0.79 -21.87 -19.71
CA VAL B 74 1.04 -23.33 -19.49
C VAL B 74 -0.29 -23.95 -19.09
N LYS B 75 -0.95 -24.58 -20.06
CA LYS B 75 -2.27 -25.22 -19.89
C LYS B 75 -2.35 -26.39 -20.85
N GLY B 76 -3.27 -27.32 -20.64
CA GLY B 76 -3.42 -28.49 -21.53
C GLY B 76 -4.41 -29.49 -20.99
N ASP B 77 -4.43 -30.69 -21.56
CA ASP B 77 -5.42 -31.74 -21.22
C ASP B 77 -5.06 -32.49 -19.94
N LEU B 78 -3.89 -33.13 -19.94
CA LEU B 78 -3.41 -34.05 -18.88
C LEU B 78 -2.11 -33.52 -18.29
N LEU B 79 -2.09 -33.37 -16.96
CA LEU B 79 -0.88 -33.08 -16.15
C LEU B 79 -0.64 -34.27 -15.23
N ILE B 80 0.63 -34.68 -15.16
CA ILE B 80 1.08 -35.81 -14.32
C ILE B 80 1.99 -35.30 -13.22
N ASP B 81 1.53 -35.28 -11.99
CA ASP B 81 2.38 -34.82 -10.87
C ASP B 81 3.33 -35.96 -10.49
N ILE B 82 4.61 -35.80 -10.77
CA ILE B 82 5.65 -36.80 -10.37
C ILE B 82 6.18 -36.48 -8.96
N GLY B 83 6.03 -37.46 -8.08
CA GLY B 83 6.51 -37.40 -6.69
C GLY B 83 5.60 -36.56 -5.82
N SER B 84 4.28 -36.64 -6.01
CA SER B 84 3.29 -35.79 -5.29
C SER B 84 3.52 -35.90 -3.80
N GLY B 85 3.99 -37.06 -3.35
CA GLY B 85 3.98 -37.39 -1.92
C GLY B 85 2.56 -37.22 -1.43
N PRO B 86 2.39 -36.74 -0.18
CA PRO B 86 1.08 -36.58 0.43
C PRO B 86 0.45 -35.21 0.28
N THR B 87 1.02 -34.34 -0.57
CA THR B 87 0.72 -32.89 -0.65
C THR B 87 -0.20 -32.60 -1.79
N ILE B 88 -1.02 -31.55 -1.69
CA ILE B 88 -1.92 -31.14 -2.82
C ILE B 88 -1.72 -29.69 -3.25
N TYR B 89 -0.84 -28.92 -2.62
CA TYR B 89 -0.63 -27.48 -2.95
C TYR B 89 -0.15 -27.27 -4.40
N GLN B 90 0.67 -28.16 -4.94
CA GLN B 90 1.29 -27.92 -6.27
C GLN B 90 0.25 -28.08 -7.39
N LEU B 91 -0.95 -28.52 -7.05
CA LEU B 91 -1.96 -28.92 -8.07
C LEU B 91 -3.07 -27.87 -8.07
N LEU B 92 -3.01 -26.90 -7.18
CA LEU B 92 -4.14 -25.98 -6.92
C LEU B 92 -4.31 -24.96 -8.08
N SER B 93 -3.21 -24.41 -8.61
CA SER B 93 -3.24 -23.50 -9.78
C SER B 93 -3.21 -24.33 -11.07
N ALA B 94 -2.70 -25.56 -10.98
CA ALA B 94 -2.69 -26.55 -12.10
C ALA B 94 -4.10 -26.86 -12.56
N CYS B 95 -5.05 -27.02 -11.65
CA CYS B 95 -6.42 -27.49 -11.99
C CYS B 95 -7.28 -26.40 -12.65
N GLU B 96 -6.83 -25.16 -12.71
CA GLU B 96 -7.42 -24.14 -13.63
C GLU B 96 -7.01 -24.44 -15.07
N SER B 97 -5.80 -24.96 -15.29
CA SER B 97 -5.11 -25.06 -16.60
C SER B 97 -5.19 -26.45 -17.24
N PHE B 98 -5.52 -27.50 -16.47
CA PHE B 98 -5.47 -28.90 -16.96
C PHE B 98 -6.75 -29.62 -16.58
N LYS B 99 -7.36 -30.28 -17.57
CA LYS B 99 -8.66 -30.96 -17.41
C LYS B 99 -8.51 -32.11 -16.44
N GLU B 100 -7.37 -32.77 -16.49
CA GLU B 100 -7.17 -34.03 -15.75
C GLU B 100 -5.78 -34.07 -15.13
N ILE B 101 -5.73 -34.39 -13.83
CA ILE B 101 -4.46 -34.52 -13.07
C ILE B 101 -4.28 -35.95 -12.55
N VAL B 102 -3.15 -36.53 -12.89
CA VAL B 102 -2.71 -37.85 -12.35
C VAL B 102 -1.60 -37.58 -11.33
N VAL B 103 -1.78 -38.05 -10.10
CA VAL B 103 -0.86 -37.80 -8.96
C VAL B 103 -0.10 -39.09 -8.68
N THR B 104 1.22 -39.06 -8.61
CA THR B 104 2.07 -40.29 -8.48
C THR B 104 3.08 -40.20 -7.33
N ASP B 105 3.30 -41.29 -6.60
CA ASP B 105 4.41 -41.37 -5.60
C ASP B 105 4.86 -42.82 -5.43
N TYR B 106 6.14 -43.00 -5.14
CA TYR B 106 6.77 -44.33 -4.95
C TYR B 106 6.19 -45.01 -3.72
N SER B 107 5.76 -44.26 -2.72
CA SER B 107 5.30 -44.81 -1.42
C SER B 107 3.76 -44.86 -1.33
N ASP B 108 3.22 -46.04 -0.98
CA ASP B 108 1.76 -46.32 -0.95
C ASP B 108 1.10 -45.60 0.22
N GLN B 109 1.80 -45.48 1.35
CA GLN B 109 1.26 -44.78 2.55
C GLN B 109 1.13 -43.29 2.19
N ASN B 110 1.96 -42.81 1.28
CA ASN B 110 1.90 -41.39 0.85
C ASN B 110 0.63 -41.16 0.05
N LEU B 111 0.35 -42.06 -0.88
CA LEU B 111 -0.83 -41.91 -1.77
C LEU B 111 -2.09 -42.05 -0.93
N GLN B 112 -2.02 -42.86 0.13
CA GLN B 112 -3.12 -43.06 1.11
C GLN B 112 -3.58 -41.77 1.77
N GLU B 113 -2.64 -40.90 2.12
CA GLU B 113 -2.94 -39.56 2.68
C GLU B 113 -3.59 -38.71 1.61
N LEU B 114 -3.14 -38.83 0.35
CA LEU B 114 -3.78 -38.06 -0.72
C LEU B 114 -5.27 -38.38 -0.70
N GLU B 115 -5.60 -39.66 -0.75
CA GLU B 115 -7.00 -40.11 -0.99
C GLU B 115 -7.87 -39.74 0.20
N LYS B 116 -7.32 -39.79 1.41
CA LYS B 116 -8.01 -39.27 2.61
C LYS B 116 -8.52 -37.88 2.27
N TRP B 117 -7.70 -37.07 1.62
CA TRP B 117 -8.11 -35.70 1.26
C TRP B 117 -8.96 -35.71 -0.02
N LEU B 118 -8.58 -36.50 -1.01
CA LEU B 118 -9.36 -36.63 -2.27
C LEU B 118 -10.80 -37.02 -1.89
N LYS B 119 -10.93 -38.09 -1.10
CA LYS B 119 -12.22 -38.62 -0.57
C LYS B 119 -12.91 -37.61 0.34
N ALA B 120 -12.21 -36.55 0.69
CA ALA B 120 -12.74 -35.49 1.57
C ALA B 120 -13.14 -36.13 2.89
N ALA B 121 -12.21 -36.88 3.49
CA ALA B 121 -12.38 -37.49 4.81
C ALA B 121 -12.22 -36.42 5.88
N PRO B 122 -12.95 -36.50 7.01
CA PRO B 122 -12.74 -35.53 8.07
C PRO B 122 -11.40 -35.78 8.78
N ALA B 123 -10.72 -36.88 8.48
CA ALA B 123 -9.45 -37.27 9.16
C ALA B 123 -8.27 -36.63 8.43
N ALA B 124 -8.47 -36.28 7.17
CA ALA B 124 -7.41 -35.77 6.27
C ALA B 124 -6.75 -34.50 6.80
N PHE B 125 -5.53 -34.28 6.34
CA PHE B 125 -4.74 -33.07 6.68
C PHE B 125 -5.59 -31.87 6.30
N ASP B 126 -5.34 -30.75 6.99
CA ASP B 126 -6.12 -29.51 6.80
C ASP B 126 -5.33 -28.49 5.98
N TRP B 127 -5.81 -28.20 4.77
CA TRP B 127 -5.13 -27.35 3.75
C TRP B 127 -5.72 -25.95 3.67
N SER B 128 -6.67 -25.64 4.55
CA SER B 128 -7.50 -24.40 4.46
C SER B 128 -6.63 -23.18 4.20
N PRO B 129 -5.60 -22.91 5.04
CA PRO B 129 -4.80 -21.69 4.88
C PRO B 129 -4.17 -21.61 3.47
N VAL B 130 -3.77 -22.76 2.93
CA VAL B 130 -3.14 -22.87 1.58
C VAL B 130 -4.20 -22.62 0.50
N VAL B 131 -5.35 -23.27 0.64
CA VAL B 131 -6.48 -23.06 -0.29
C VAL B 131 -6.76 -21.56 -0.23
N THR B 132 -7.01 -21.03 0.95
CA THR B 132 -7.29 -19.59 1.08
C THR B 132 -6.24 -18.75 0.32
N TYR B 133 -4.96 -19.00 0.58
CA TYR B 133 -3.84 -18.19 -0.01
C TYR B 133 -3.97 -18.16 -1.55
N VAL B 134 -4.29 -19.30 -2.17
CA VAL B 134 -4.31 -19.41 -3.65
C VAL B 134 -5.52 -18.68 -4.20
N CYS B 135 -6.66 -18.86 -3.56
CA CYS B 135 -7.87 -18.06 -3.85
C CYS B 135 -7.55 -16.55 -3.85
N ASP B 136 -6.71 -16.09 -2.93
CA ASP B 136 -6.21 -14.70 -2.94
C ASP B 136 -5.38 -14.48 -4.19
N LEU B 137 -4.36 -15.32 -4.42
CA LEU B 137 -3.42 -15.16 -5.58
C LEU B 137 -4.25 -15.11 -6.86
N GLU B 138 -5.29 -15.93 -6.94
CA GLU B 138 -6.15 -15.95 -8.15
C GLU B 138 -7.20 -14.84 -8.11
N GLY B 139 -7.28 -14.09 -7.02
CA GLY B 139 -8.17 -12.91 -6.95
C GLY B 139 -9.59 -13.29 -6.61
N ASN B 140 -9.78 -14.23 -5.67
CA ASN B 140 -11.08 -14.55 -4.97
C ASN B 140 -12.22 -14.71 -5.98
N ARG B 141 -11.89 -15.04 -7.21
CA ARG B 141 -12.92 -15.39 -8.20
C ARG B 141 -13.70 -16.58 -7.63
N VAL B 142 -13.03 -17.44 -6.82
CA VAL B 142 -13.59 -18.71 -6.26
C VAL B 142 -13.41 -18.72 -4.75
N LYS B 143 -14.33 -19.43 -4.08
CA LYS B 143 -14.30 -19.56 -2.60
C LYS B 143 -13.50 -20.81 -2.26
N GLY B 144 -13.28 -21.06 -0.96
CA GLY B 144 -12.55 -22.24 -0.47
C GLY B 144 -13.14 -23.52 -1.04
N PRO B 145 -14.36 -23.93 -0.58
CA PRO B 145 -15.03 -25.15 -1.03
C PRO B 145 -15.12 -25.31 -2.55
N GLU B 146 -15.24 -24.19 -3.23
CA GLU B 146 -15.35 -24.15 -4.70
C GLU B 146 -14.04 -24.56 -5.36
N LYS B 147 -12.92 -24.07 -4.83
CA LYS B 147 -11.57 -24.32 -5.43
C LYS B 147 -11.15 -25.75 -5.14
N GLU B 148 -11.58 -26.29 -3.97
CA GLU B 148 -11.31 -27.68 -3.52
C GLU B 148 -12.11 -28.66 -4.35
N GLU B 149 -13.30 -28.28 -4.79
CA GLU B 149 -14.13 -29.12 -5.67
C GLU B 149 -13.43 -29.29 -7.02
N LYS B 150 -12.93 -28.21 -7.60
CA LYS B 150 -12.29 -28.22 -8.94
C LYS B 150 -11.10 -29.19 -8.96
N LEU B 151 -10.33 -29.23 -7.87
CA LEU B 151 -9.13 -30.09 -7.76
C LEU B 151 -9.51 -31.56 -7.48
N ARG B 152 -10.56 -31.82 -6.72
CA ARG B 152 -10.97 -33.23 -6.48
C ARG B 152 -11.42 -33.83 -7.82
N GLN B 153 -12.12 -33.06 -8.65
CA GLN B 153 -12.65 -33.57 -9.95
C GLN B 153 -11.50 -33.78 -10.91
N ALA B 154 -10.58 -32.86 -10.98
CA ALA B 154 -9.50 -32.90 -11.99
C ALA B 154 -8.63 -34.11 -11.78
N VAL B 155 -8.52 -34.63 -10.54
CA VAL B 155 -7.59 -35.75 -10.21
C VAL B 155 -8.31 -37.06 -10.46
N LYS B 156 -7.90 -37.75 -11.54
CA LYS B 156 -8.59 -38.93 -12.12
C LYS B 156 -7.83 -40.23 -11.81
N GLN B 157 -6.55 -40.18 -11.46
CA GLN B 157 -5.75 -41.41 -11.22
C GLN B 157 -4.72 -41.12 -10.13
N VAL B 158 -4.48 -42.14 -9.31
CA VAL B 158 -3.48 -42.09 -8.22
C VAL B 158 -2.58 -43.30 -8.39
N LEU B 159 -1.36 -43.12 -8.86
CA LEU B 159 -0.56 -44.29 -9.29
C LEU B 159 0.77 -44.38 -8.55
N LYS B 160 1.16 -45.59 -8.20
CA LYS B 160 2.51 -45.86 -7.68
C LYS B 160 3.52 -45.32 -8.67
N CYS B 161 4.66 -44.82 -8.22
CA CYS B 161 5.65 -44.21 -9.12
C CYS B 161 7.06 -44.78 -8.88
N ASP B 162 7.93 -44.65 -9.87
CA ASP B 162 9.39 -44.77 -9.64
C ASP B 162 10.16 -44.06 -10.76
N VAL B 163 10.89 -43.03 -10.38
CA VAL B 163 11.60 -42.10 -11.31
C VAL B 163 12.85 -42.79 -11.92
N THR B 164 13.36 -43.84 -11.28
CA THR B 164 14.63 -44.53 -11.68
C THR B 164 14.34 -45.59 -12.75
N GLN B 165 13.06 -45.91 -12.94
CA GLN B 165 12.67 -46.95 -13.90
C GLN B 165 12.38 -46.29 -15.23
N SER B 166 12.87 -46.88 -16.33
CA SER B 166 12.65 -46.32 -17.71
C SER B 166 11.15 -46.27 -18.09
N GLN B 167 10.27 -46.92 -17.34
CA GLN B 167 8.81 -46.63 -17.41
C GLN B 167 8.31 -46.23 -16.04
N PRO B 168 8.48 -44.96 -15.64
CA PRO B 168 8.09 -44.53 -14.30
C PRO B 168 6.77 -45.12 -13.80
N LEU B 169 5.73 -45.19 -14.66
CA LEU B 169 4.40 -45.70 -14.27
C LEU B 169 4.30 -47.20 -14.56
N GLY B 170 5.35 -47.80 -15.10
CA GLY B 170 5.41 -49.23 -15.47
C GLY B 170 4.41 -49.53 -16.57
N ALA B 171 3.61 -50.56 -16.37
CA ALA B 171 2.64 -51.02 -17.39
C ALA B 171 1.49 -50.02 -17.61
N VAL B 172 1.13 -49.15 -16.64
CA VAL B 172 -0.14 -48.35 -16.67
C VAL B 172 -0.21 -47.55 -17.97
N PRO B 173 -1.34 -47.70 -18.71
CA PRO B 173 -1.55 -47.02 -19.97
C PRO B 173 -1.99 -45.56 -19.78
N LEU B 174 -1.25 -44.61 -20.36
CA LEU B 174 -1.63 -43.18 -20.38
C LEU B 174 -1.33 -42.57 -21.74
N PRO B 175 -2.23 -41.72 -22.23
CA PRO B 175 -1.89 -40.89 -23.37
C PRO B 175 -0.70 -40.00 -23.04
N PRO B 176 0.11 -39.59 -24.03
CA PRO B 176 1.14 -38.62 -23.76
C PRO B 176 0.57 -37.37 -23.07
N ALA B 177 1.29 -36.93 -22.07
CA ALA B 177 0.89 -35.80 -21.21
C ALA B 177 1.34 -34.52 -21.88
N ASP B 178 0.74 -33.43 -21.42
CA ASP B 178 1.09 -32.07 -21.90
C ASP B 178 2.09 -31.48 -20.92
N CYS B 179 2.04 -31.91 -19.66
CA CYS B 179 2.89 -31.36 -18.57
C CYS B 179 3.15 -32.39 -17.47
N VAL B 180 4.44 -32.67 -17.28
CA VAL B 180 4.96 -33.38 -16.08
C VAL B 180 5.35 -32.30 -15.09
N LEU B 181 4.86 -32.42 -13.86
CA LEU B 181 5.14 -31.52 -12.72
C LEU B 181 5.89 -32.35 -11.68
N SER B 182 6.86 -31.72 -11.03
CA SER B 182 7.68 -32.39 -10.00
C SER B 182 8.12 -31.34 -8.99
N THR B 183 7.58 -31.40 -7.78
CA THR B 183 8.04 -30.51 -6.68
C THR B 183 8.77 -31.35 -5.66
N LEU B 184 10.08 -31.12 -5.54
CA LEU B 184 10.93 -31.63 -4.43
C LEU B 184 10.91 -33.14 -4.39
N CYS B 185 11.06 -33.78 -5.53
CA CYS B 185 11.02 -35.26 -5.59
C CYS B 185 12.36 -35.78 -6.12
N LEU B 186 12.95 -35.06 -7.07
CA LEU B 186 14.09 -35.61 -7.83
C LEU B 186 15.37 -35.62 -6.97
N ASP B 187 15.65 -34.54 -6.23
CA ASP B 187 16.78 -34.44 -5.26
C ASP B 187 16.66 -35.57 -4.24
N ALA B 188 15.42 -35.82 -3.81
CA ALA B 188 15.07 -36.86 -2.82
C ALA B 188 15.19 -38.27 -3.43
N ALA B 189 14.91 -38.39 -4.73
CA ALA B 189 14.72 -39.68 -5.42
C ALA B 189 16.04 -40.19 -5.99
N CYS B 190 16.90 -39.27 -6.40
CA CYS B 190 18.10 -39.63 -7.17
C CYS B 190 19.37 -39.62 -6.32
N PRO B 191 19.98 -40.81 -6.15
CA PRO B 191 21.27 -41.00 -5.49
C PRO B 191 22.46 -40.19 -6.06
N ASP B 192 22.51 -40.05 -7.38
CA ASP B 192 23.60 -39.29 -8.01
C ASP B 192 23.13 -38.58 -9.29
N LEU B 193 23.96 -37.64 -9.76
CA LEU B 193 23.67 -36.81 -10.96
C LEU B 193 23.41 -37.71 -12.16
N PRO B 194 24.21 -38.78 -12.48
CA PRO B 194 23.90 -39.62 -13.63
C PRO B 194 22.49 -40.21 -13.58
N THR B 195 22.03 -40.63 -12.38
CA THR B 195 20.64 -41.09 -12.09
C THR B 195 19.62 -39.96 -12.31
N TYR B 196 19.90 -38.78 -11.74
CA TYR B 196 19.11 -37.56 -11.98
C TYR B 196 18.82 -37.42 -13.46
N CYS B 197 19.80 -37.69 -14.33
CA CYS B 197 19.72 -37.48 -15.79
C CYS B 197 18.93 -38.62 -16.42
N ARG B 198 19.08 -39.82 -15.87
CA ARG B 198 18.28 -40.99 -16.31
C ARG B 198 16.81 -40.69 -15.96
N ALA B 199 16.58 -40.30 -14.72
CA ALA B 199 15.24 -39.91 -14.23
C ALA B 199 14.61 -38.93 -15.21
N LEU B 200 15.33 -37.87 -15.51
CA LEU B 200 14.79 -36.73 -16.31
C LEU B 200 14.34 -37.29 -17.66
N ARG B 201 15.22 -38.04 -18.33
CA ARG B 201 14.87 -38.59 -19.66
C ARG B 201 13.70 -39.54 -19.53
N ASN B 202 13.64 -40.27 -18.39
CA ASN B 202 12.57 -41.25 -18.06
C ASN B 202 11.22 -40.54 -17.85
N LEU B 203 11.24 -39.28 -17.49
CA LEU B 203 9.98 -38.51 -17.33
C LEU B 203 9.51 -38.08 -18.71
N GLY B 204 10.44 -37.80 -19.61
CA GLY B 204 10.16 -37.34 -20.99
C GLY B 204 9.25 -38.26 -21.78
N SER B 205 9.31 -39.56 -21.56
CA SER B 205 8.48 -40.56 -22.29
C SER B 205 6.98 -40.40 -21.94
N LEU B 206 6.68 -39.75 -20.82
CA LEU B 206 5.29 -39.44 -20.42
C LEU B 206 4.74 -38.26 -21.24
N LEU B 207 5.61 -37.48 -21.89
CA LEU B 207 5.26 -36.14 -22.45
C LEU B 207 5.16 -36.12 -23.99
N LYS B 208 4.19 -35.35 -24.50
CA LYS B 208 4.14 -34.91 -25.92
C LYS B 208 5.40 -34.11 -26.25
N PRO B 209 5.95 -34.26 -27.48
CA PRO B 209 6.91 -33.30 -27.98
C PRO B 209 6.30 -31.90 -27.76
N GLY B 210 7.16 -30.92 -27.48
CA GLY B 210 6.75 -29.55 -27.12
C GLY B 210 6.06 -29.48 -25.77
N GLY B 211 6.00 -30.61 -25.02
CA GLY B 211 5.28 -30.71 -23.74
C GLY B 211 6.06 -30.12 -22.58
N PHE B 212 5.34 -29.61 -21.58
CA PHE B 212 5.92 -28.82 -20.45
C PHE B 212 6.45 -29.70 -19.31
N LEU B 213 7.72 -29.47 -18.98
CA LEU B 213 8.38 -30.01 -17.76
C LEU B 213 8.50 -28.91 -16.73
N VAL B 214 7.88 -29.10 -15.58
CA VAL B 214 7.92 -28.10 -14.48
C VAL B 214 8.58 -28.71 -13.25
N ILE B 215 9.64 -28.08 -12.79
CA ILE B 215 10.40 -28.60 -11.63
C ILE B 215 10.65 -27.47 -10.64
N MET B 216 10.42 -27.75 -9.37
CA MET B 216 10.85 -26.87 -8.27
C MET B 216 11.50 -27.77 -7.23
N ASP B 217 12.76 -27.49 -6.89
CA ASP B 217 13.52 -28.35 -5.95
C ASP B 217 14.55 -27.55 -5.15
N ALA B 218 15.33 -28.23 -4.32
CA ALA B 218 16.31 -27.59 -3.41
C ALA B 218 17.66 -27.39 -4.10
N LEU B 219 18.38 -26.35 -3.68
CA LEU B 219 19.73 -26.07 -4.22
C LEU B 219 20.77 -26.37 -3.15
N LYS B 220 21.86 -27.02 -3.60
CA LYS B 220 23.13 -27.29 -2.88
C LYS B 220 22.83 -27.85 -1.48
N SER B 221 22.31 -29.07 -1.45
CA SER B 221 21.57 -29.66 -0.31
C SER B 221 21.92 -31.16 -0.19
N SER B 222 22.36 -31.60 1.00
CA SER B 222 22.83 -33.00 1.21
C SER B 222 21.79 -33.83 1.97
N TYR B 223 20.84 -33.18 2.65
CA TYR B 223 19.82 -33.92 3.45
C TYR B 223 18.60 -33.06 3.76
N TYR B 224 17.52 -33.70 4.22
CA TYR B 224 16.35 -33.04 4.86
C TYR B 224 15.74 -33.94 5.94
N MET B 225 15.16 -33.32 6.95
CA MET B 225 14.61 -34.05 8.11
C MET B 225 13.09 -34.23 7.94
N ILE B 226 12.57 -35.32 8.48
CA ILE B 226 11.13 -35.43 8.79
C ILE B 226 11.08 -35.90 10.23
N GLY B 227 10.99 -34.95 11.15
CA GLY B 227 11.03 -35.23 12.60
C GLY B 227 12.43 -35.70 13.02
N GLU B 228 12.51 -36.94 13.53
CA GLU B 228 13.78 -37.53 14.04
C GLU B 228 14.63 -38.09 12.89
N GLN B 229 13.99 -38.46 11.77
CA GLN B 229 14.65 -39.22 10.67
C GLN B 229 15.22 -38.28 9.61
N LYS B 230 16.50 -38.49 9.30
CA LYS B 230 17.24 -37.84 8.20
C LYS B 230 16.97 -38.57 6.89
N PHE B 231 17.03 -37.85 5.79
CA PHE B 231 16.63 -38.34 4.45
C PHE B 231 17.58 -37.67 3.49
N SER B 232 18.17 -38.41 2.56
CA SER B 232 19.23 -37.86 1.68
C SER B 232 18.63 -36.92 0.65
N SER B 233 19.45 -36.01 0.17
CA SER B 233 19.09 -35.03 -0.88
C SER B 233 20.31 -34.85 -1.79
N LEU B 234 20.11 -34.88 -3.11
CA LEU B 234 21.19 -34.69 -4.10
C LEU B 234 21.63 -33.22 -4.15
N PRO B 235 22.88 -32.94 -3.75
CA PRO B 235 23.33 -31.56 -3.64
C PRO B 235 23.74 -31.07 -5.04
N LEU B 236 22.93 -30.21 -5.65
CA LEU B 236 23.35 -29.75 -7.00
C LEU B 236 23.07 -28.27 -7.26
N GLY B 237 23.97 -27.66 -8.05
CA GLY B 237 23.98 -26.23 -8.37
C GLY B 237 23.11 -25.89 -9.57
N ARG B 238 22.90 -24.60 -9.80
CA ARG B 238 22.18 -24.07 -10.99
C ARG B 238 22.81 -24.75 -12.22
N GLU B 239 24.14 -24.89 -12.23
CA GLU B 239 24.92 -25.38 -13.40
C GLU B 239 24.46 -26.78 -13.77
N ALA B 240 24.47 -27.70 -12.81
CA ALA B 240 24.26 -29.15 -13.06
C ALA B 240 22.80 -29.40 -13.44
N VAL B 241 21.84 -28.74 -12.76
CA VAL B 241 20.40 -28.84 -13.06
C VAL B 241 20.18 -28.55 -14.53
N GLU B 242 20.51 -27.34 -14.98
CA GLU B 242 20.38 -26.89 -16.38
C GLU B 242 21.08 -27.85 -17.34
N ALA B 243 22.32 -28.24 -17.05
CA ALA B 243 23.11 -29.13 -17.93
C ALA B 243 22.37 -30.46 -18.11
N ALA B 244 21.83 -31.03 -17.04
CA ALA B 244 21.08 -32.33 -17.06
C ALA B 244 19.73 -32.19 -17.79
N VAL B 245 19.14 -30.99 -17.80
CA VAL B 245 17.82 -30.76 -18.47
C VAL B 245 18.08 -30.58 -19.96
N LYS B 246 19.11 -29.83 -20.34
CA LYS B 246 19.55 -29.79 -21.76
C LYS B 246 19.81 -31.22 -22.21
N GLU B 247 20.74 -31.90 -21.54
CA GLU B 247 21.16 -33.31 -21.79
C GLU B 247 19.97 -34.21 -22.07
N ALA B 248 18.96 -34.16 -21.24
CA ALA B 248 17.83 -35.12 -21.30
C ALA B 248 16.90 -34.84 -22.50
N GLY B 249 17.08 -33.74 -23.25
CA GLY B 249 16.23 -33.39 -24.42
C GLY B 249 15.15 -32.37 -24.08
N TYR B 250 15.50 -31.37 -23.30
CA TYR B 250 14.57 -30.31 -22.93
C TYR B 250 15.24 -29.00 -23.25
N THR B 251 14.49 -28.07 -23.82
CA THR B 251 14.95 -26.69 -24.05
C THR B 251 14.28 -25.79 -23.04
N ILE B 252 15.09 -25.15 -22.21
CA ILE B 252 14.60 -24.44 -20.99
C ILE B 252 14.03 -23.09 -21.42
N GLU B 253 12.78 -22.82 -21.05
CA GLU B 253 12.10 -21.54 -21.36
C GLU B 253 12.50 -20.47 -20.35
N TRP B 254 12.52 -20.76 -19.03
CA TRP B 254 13.09 -19.84 -18.00
C TRP B 254 13.58 -20.60 -16.77
N PHE B 255 14.40 -19.91 -15.98
CA PHE B 255 15.08 -20.53 -14.83
C PHE B 255 15.17 -19.50 -13.73
N GLU B 256 14.80 -19.90 -12.53
CA GLU B 256 14.73 -18.99 -11.35
C GLU B 256 15.40 -19.60 -10.11
N VAL B 257 16.34 -18.88 -9.54
CA VAL B 257 16.96 -19.25 -8.23
C VAL B 257 16.53 -18.21 -7.20
N ILE B 258 16.09 -18.65 -6.04
CA ILE B 258 15.79 -17.77 -4.86
C ILE B 258 16.76 -18.15 -3.76
N SER B 259 17.29 -17.16 -3.05
CA SER B 259 18.26 -17.40 -1.95
C SER B 259 17.57 -17.99 -0.71
N GLN B 260 16.28 -17.73 -0.51
CA GLN B 260 15.47 -18.23 0.65
C GLN B 260 15.72 -19.73 0.88
N SER B 261 15.96 -20.13 2.14
CA SER B 261 16.37 -21.50 2.58
C SER B 261 15.50 -22.00 3.73
N TYR B 262 15.60 -23.30 4.01
CA TYR B 262 14.85 -23.93 5.13
C TYR B 262 15.60 -23.74 6.44
N SER B 263 14.86 -23.76 7.55
CA SER B 263 15.40 -23.69 8.93
C SER B 263 16.59 -24.63 9.05
N SER B 264 17.67 -24.18 9.65
CA SER B 264 18.92 -24.99 9.78
C SER B 264 18.68 -26.22 10.66
N THR B 265 17.43 -26.47 11.07
CA THR B 265 17.04 -27.62 11.94
C THR B 265 16.32 -28.66 11.09
N MET B 266 16.06 -28.34 9.81
CA MET B 266 15.33 -29.24 8.89
C MET B 266 16.12 -29.56 7.62
N ALA B 267 16.89 -28.62 7.08
CA ALA B 267 17.57 -28.85 5.80
C ALA B 267 18.82 -27.99 5.70
N ASN B 268 19.72 -28.35 4.80
CA ASN B 268 20.98 -27.59 4.66
C ASN B 268 21.12 -27.07 3.22
N ASN B 269 20.08 -26.43 2.70
CA ASN B 269 20.06 -25.94 1.30
C ASN B 269 20.42 -24.46 1.23
N GLU B 270 20.80 -23.99 0.07
CA GLU B 270 21.17 -22.57 -0.11
C GLU B 270 20.22 -21.97 -1.11
N GLY B 271 18.93 -22.17 -0.92
CA GLY B 271 17.93 -21.67 -1.87
C GLY B 271 17.21 -22.80 -2.59
N LEU B 272 16.45 -22.38 -3.59
CA LEU B 272 15.54 -23.24 -4.39
C LEU B 272 15.65 -22.80 -5.83
N PHE B 273 15.11 -23.61 -6.73
CA PHE B 273 15.06 -23.26 -8.18
C PHE B 273 13.71 -23.71 -8.70
N SER B 274 13.16 -22.90 -9.57
CA SER B 274 11.94 -23.23 -10.34
C SER B 274 12.35 -23.19 -11.82
N LEU B 275 11.84 -24.12 -12.61
CA LEU B 275 12.00 -23.96 -14.07
C LEU B 275 10.80 -24.52 -14.83
N VAL B 276 10.66 -24.04 -16.05
CA VAL B 276 9.73 -24.64 -17.02
C VAL B 276 10.56 -25.00 -18.23
N ALA B 277 10.28 -26.16 -18.84
CA ALA B 277 11.04 -26.63 -20.01
C ALA B 277 10.17 -27.43 -20.97
N ARG B 278 10.52 -27.36 -22.25
CA ARG B 278 9.77 -28.07 -23.31
C ARG B 278 10.62 -29.25 -23.79
N LYS B 279 9.94 -30.30 -24.22
CA LYS B 279 10.58 -31.51 -24.76
C LYS B 279 10.82 -31.28 -26.26
N LEU B 280 12.03 -31.58 -26.71
CA LEU B 280 12.40 -31.38 -28.12
C LEU B 280 11.61 -32.34 -29.05
N PHE C 25 -33.95 -7.17 13.89
CA PHE C 25 -32.55 -6.68 14.01
C PHE C 25 -31.70 -7.74 14.73
N THR C 26 -30.62 -8.19 14.08
CA THR C 26 -29.70 -9.24 14.61
C THR C 26 -29.68 -9.13 16.12
N SER C 27 -30.11 -10.18 16.82
CA SER C 27 -30.04 -10.26 18.30
C SER C 27 -28.59 -10.58 18.71
N LYS C 28 -28.27 -10.38 19.99
CA LYS C 28 -26.86 -10.48 20.45
C LYS C 28 -26.45 -11.95 20.47
N ASP C 29 -27.37 -12.84 20.82
CA ASP C 29 -27.07 -14.30 20.84
C ASP C 29 -26.84 -14.78 19.40
N THR C 30 -27.26 -14.00 18.39
CA THR C 30 -26.91 -14.32 16.98
C THR C 30 -25.44 -14.00 16.78
N TYR C 31 -24.94 -13.06 17.57
CA TYR C 31 -23.49 -12.71 17.62
C TYR C 31 -22.70 -13.77 18.38
N LEU C 32 -23.34 -14.59 19.21
CA LEU C 32 -22.65 -15.68 19.94
C LEU C 32 -22.51 -16.94 19.09
N SER C 33 -23.38 -17.10 18.10
CA SER C 33 -23.53 -18.37 17.34
C SER C 33 -23.03 -18.19 15.91
N HIS C 34 -23.32 -17.05 15.29
CA HIS C 34 -23.09 -16.88 13.83
C HIS C 34 -21.93 -15.94 13.52
N PHE C 35 -21.30 -15.33 14.52
CA PHE C 35 -20.11 -14.49 14.23
C PHE C 35 -18.90 -15.41 14.22
N ASN C 36 -18.49 -15.84 13.04
CA ASN C 36 -17.24 -16.62 12.86
C ASN C 36 -16.05 -15.65 12.83
N PRO C 37 -15.25 -15.57 13.91
CA PRO C 37 -14.14 -14.62 13.96
C PRO C 37 -13.10 -14.79 12.84
N ARG C 38 -12.72 -16.04 12.57
CA ARG C 38 -11.68 -16.31 11.56
C ARG C 38 -12.23 -15.86 10.19
N ASP C 39 -13.55 -15.96 10.00
CA ASP C 39 -14.23 -15.57 8.73
C ASP C 39 -14.24 -14.04 8.60
N TYR C 40 -14.74 -13.35 9.63
CA TYR C 40 -14.85 -11.87 9.65
C TYR C 40 -13.50 -11.24 9.33
N LEU C 41 -12.46 -11.77 9.98
CA LEU C 41 -11.05 -11.34 9.74
C LEU C 41 -10.66 -11.67 8.29
N GLU C 42 -11.09 -12.83 7.79
CA GLU C 42 -10.79 -13.27 6.40
C GLU C 42 -11.44 -12.33 5.38
N LYS C 43 -12.69 -11.94 5.64
CA LYS C 43 -13.52 -11.17 4.66
C LYS C 43 -13.08 -9.70 4.63
N TYR C 44 -12.48 -9.20 5.70
CA TYR C 44 -12.22 -7.74 5.83
C TYR C 44 -10.74 -7.38 6.01
N TYR C 45 -10.00 -8.04 6.90
CA TYR C 45 -8.75 -7.43 7.43
C TYR C 45 -7.49 -8.04 6.83
N LYS C 46 -7.58 -8.74 5.72
CA LYS C 46 -6.39 -9.13 4.92
C LYS C 46 -5.95 -7.86 4.18
N PHE C 47 -4.66 -7.71 3.93
CA PHE C 47 -4.14 -6.41 3.46
C PHE C 47 -3.03 -6.68 2.43
N GLY C 48 -3.09 -6.09 1.24
CA GLY C 48 -1.93 -6.23 0.36
C GLY C 48 -2.23 -5.83 -1.06
N SER C 49 -1.64 -6.56 -2.02
CA SER C 49 -1.74 -6.34 -3.50
C SER C 49 -3.14 -5.83 -3.85
N ARG C 50 -4.18 -6.55 -3.40
CA ARG C 50 -5.59 -6.21 -3.65
C ARG C 50 -5.81 -4.71 -3.37
N HIS C 51 -6.19 -3.92 -4.36
CA HIS C 51 -6.66 -2.52 -4.17
C HIS C 51 -8.15 -2.53 -3.83
N SER C 52 -8.59 -3.46 -2.97
CA SER C 52 -10.00 -3.69 -2.55
C SER C 52 -10.53 -2.49 -1.78
N ALA C 53 -11.86 -2.40 -1.73
CA ALA C 53 -12.61 -1.34 -1.00
C ALA C 53 -12.28 -1.43 0.48
N GLU C 54 -12.28 -2.66 1.04
CA GLU C 54 -11.95 -2.91 2.47
C GLU C 54 -10.46 -2.68 2.72
N SER C 55 -9.56 -3.17 1.87
CA SER C 55 -8.12 -2.80 1.95
C SER C 55 -8.13 -1.27 2.22
N GLN C 56 -8.89 -0.50 1.41
CA GLN C 56 -8.89 1.00 1.41
C GLN C 56 -9.54 1.58 2.67
N ILE C 57 -10.73 1.13 3.04
CA ILE C 57 -11.40 1.59 4.29
C ILE C 57 -10.46 1.42 5.48
N LEU C 58 -9.83 0.26 5.62
CA LEU C 58 -8.83 -0.04 6.71
C LEU C 58 -7.68 0.97 6.68
N LYS C 59 -7.27 1.43 5.50
CA LYS C 59 -6.15 2.38 5.37
C LYS C 59 -6.59 3.77 5.86
N HIS C 60 -7.84 4.15 5.59
CA HIS C 60 -8.38 5.47 6.01
C HIS C 60 -8.65 5.44 7.51
N LEU C 61 -9.21 4.32 8.01
CA LEU C 61 -9.43 4.08 9.46
C LEU C 61 -8.12 4.22 10.23
N LEU C 62 -7.06 3.51 9.81
CA LEU C 62 -5.71 3.58 10.42
C LEU C 62 -5.17 5.01 10.40
N LYS C 63 -5.35 5.78 9.33
CA LYS C 63 -4.88 7.20 9.29
C LYS C 63 -5.59 8.00 10.38
N ASN C 64 -6.91 7.85 10.55
CA ASN C 64 -7.70 8.66 11.56
C ASN C 64 -7.26 8.30 12.98
N LEU C 65 -7.15 7.01 13.27
CA LEU C 65 -6.68 6.51 14.58
C LEU C 65 -5.29 7.09 14.84
N PHE C 66 -4.42 7.05 13.83
CA PHE C 66 -3.07 7.65 13.87
C PHE C 66 -3.19 9.16 14.10
N LYS C 67 -4.05 9.81 13.34
CA LYS C 67 -4.37 11.26 13.55
C LYS C 67 -4.86 11.46 15.00
N ILE C 68 -5.82 10.69 15.48
CA ILE C 68 -6.46 10.97 16.80
C ILE C 68 -5.44 10.74 17.92
N PHE C 69 -4.61 9.73 17.78
CA PHE C 69 -3.81 9.20 18.91
C PHE C 69 -2.36 9.66 18.86
N CYS C 70 -1.80 9.95 17.69
CA CYS C 70 -0.38 10.41 17.57
C CYS C 70 -0.29 11.91 17.34
N LEU C 71 -1.06 12.46 16.41
CA LEU C 71 -0.92 13.90 16.08
C LEU C 71 -1.65 14.73 17.15
N ASP C 72 -2.85 14.32 17.55
CA ASP C 72 -3.72 15.12 18.45
C ASP C 72 -3.28 14.96 19.90
N GLY C 73 -4.08 15.46 20.85
CA GLY C 73 -3.70 15.45 22.27
C GLY C 73 -4.26 14.29 23.09
N VAL C 74 -4.71 13.20 22.45
CA VAL C 74 -5.46 12.10 23.13
C VAL C 74 -4.43 11.07 23.58
N LYS C 75 -4.02 11.20 24.85
CA LYS C 75 -3.30 10.15 25.59
C LYS C 75 -3.84 10.07 27.02
N GLY C 76 -3.28 9.13 27.77
CA GLY C 76 -3.74 8.86 29.14
C GLY C 76 -3.25 7.49 29.56
N ASP C 77 -3.59 7.09 30.78
CA ASP C 77 -3.17 5.79 31.32
C ASP C 77 -4.04 4.70 30.69
N LEU C 78 -5.37 4.77 30.86
CA LEU C 78 -6.30 3.66 30.51
C LEU C 78 -7.17 3.99 29.29
N LEU C 79 -7.14 3.08 28.31
CA LEU C 79 -8.12 3.01 27.21
C LEU C 79 -8.89 1.69 27.32
N ILE C 80 -10.22 1.82 27.40
CA ILE C 80 -11.17 0.69 27.34
C ILE C 80 -11.69 0.61 25.90
N ASP C 81 -11.49 -0.53 25.25
CA ASP C 81 -11.91 -0.75 23.85
C ASP C 81 -13.22 -1.52 23.89
N ILE C 82 -14.25 -0.96 23.30
CA ILE C 82 -15.60 -1.57 23.30
C ILE C 82 -15.89 -2.19 21.94
N GLY C 83 -16.41 -3.41 21.99
CA GLY C 83 -16.82 -4.15 20.80
C GLY C 83 -15.63 -4.44 19.92
N SER C 84 -14.52 -4.80 20.56
CA SER C 84 -13.18 -5.01 19.96
C SER C 84 -13.27 -6.06 18.86
N GLY C 85 -14.14 -7.06 19.07
CA GLY C 85 -14.26 -8.24 18.21
C GLY C 85 -12.93 -8.97 18.27
N PRO C 86 -12.55 -9.64 17.17
CA PRO C 86 -11.29 -10.36 17.12
C PRO C 86 -10.12 -9.56 16.56
N THR C 87 -10.32 -8.26 16.36
CA THR C 87 -9.31 -7.42 15.66
C THR C 87 -8.48 -6.61 16.66
N ILE C 88 -7.27 -6.25 16.24
CA ILE C 88 -6.34 -5.41 17.06
C ILE C 88 -5.94 -4.14 16.32
N TYR C 89 -6.25 -3.99 15.03
CA TYR C 89 -5.83 -2.82 14.19
C TYR C 89 -6.10 -1.50 14.90
N GLN C 90 -7.19 -1.38 15.66
CA GLN C 90 -7.63 -0.09 16.25
C GLN C 90 -6.79 0.29 17.47
N LEU C 91 -5.83 -0.57 17.84
CA LEU C 91 -4.97 -0.36 19.04
C LEU C 91 -3.49 -0.20 18.61
N LEU C 92 -3.14 -0.52 17.38
CA LEU C 92 -1.74 -0.39 16.91
C LEU C 92 -1.22 1.05 17.02
N SER C 93 -2.09 2.07 16.93
CA SER C 93 -1.68 3.49 17.15
C SER C 93 -1.90 3.87 18.61
N ALA C 94 -3.03 3.46 19.18
CA ALA C 94 -3.44 3.85 20.56
C ALA C 94 -2.37 3.44 21.59
N CYS C 95 -1.69 2.31 21.43
CA CYS C 95 -0.69 1.83 22.43
C CYS C 95 0.51 2.80 22.59
N GLU C 96 0.78 3.65 21.61
CA GLU C 96 1.80 4.75 21.74
C GLU C 96 1.33 5.78 22.77
N SER C 97 0.01 5.97 22.91
CA SER C 97 -0.62 7.06 23.70
C SER C 97 -1.17 6.55 25.04
N PHE C 98 -1.11 5.25 25.29
CA PHE C 98 -1.75 4.72 26.51
C PHE C 98 -0.87 3.67 27.16
N LYS C 99 -0.75 3.82 28.47
CA LYS C 99 -0.06 2.86 29.36
C LYS C 99 -0.80 1.52 29.34
N GLU C 100 -2.10 1.60 29.58
CA GLU C 100 -2.93 0.39 29.79
C GLU C 100 -4.11 0.34 28.82
N ILE C 101 -4.28 -0.81 28.17
CA ILE C 101 -5.39 -1.07 27.22
C ILE C 101 -6.21 -2.27 27.67
N VAL C 102 -7.51 -2.09 27.74
CA VAL C 102 -8.45 -3.22 27.97
C VAL C 102 -9.18 -3.57 26.66
N VAL C 103 -9.31 -4.86 26.35
CA VAL C 103 -10.11 -5.35 25.18
C VAL C 103 -11.36 -6.02 25.70
N THR C 104 -12.48 -5.77 25.05
CA THR C 104 -13.80 -6.27 25.49
C THR C 104 -14.70 -6.52 24.29
N ASP C 105 -15.52 -7.58 24.38
CA ASP C 105 -16.50 -7.94 23.33
C ASP C 105 -17.60 -8.78 23.99
N TYR C 106 -18.77 -8.80 23.35
CA TYR C 106 -19.92 -9.65 23.76
C TYR C 106 -19.63 -11.13 23.42
N SER C 107 -19.08 -11.39 22.23
CA SER C 107 -18.79 -12.74 21.72
C SER C 107 -17.52 -13.29 22.33
N ASP C 108 -17.62 -14.39 23.07
CA ASP C 108 -16.46 -15.04 23.73
C ASP C 108 -15.55 -15.66 22.67
N GLN C 109 -16.12 -16.15 21.57
CA GLN C 109 -15.35 -16.71 20.41
C GLN C 109 -14.43 -15.63 19.85
N ASN C 110 -14.87 -14.36 19.79
CA ASN C 110 -14.08 -13.23 19.24
C ASN C 110 -12.92 -12.95 20.19
N LEU C 111 -13.19 -12.93 21.49
CA LEU C 111 -12.11 -12.61 22.46
C LEU C 111 -11.09 -13.75 22.45
N GLN C 112 -11.60 -14.97 22.33
CA GLN C 112 -10.76 -16.19 22.28
C GLN C 112 -9.79 -16.11 21.10
N GLU C 113 -10.16 -15.35 20.07
CA GLU C 113 -9.33 -15.15 18.86
C GLU C 113 -8.28 -14.08 19.13
N LEU C 114 -8.69 -13.04 19.85
CA LEU C 114 -7.77 -11.98 20.30
C LEU C 114 -6.64 -12.59 21.12
N GLU C 115 -6.98 -13.46 22.09
CA GLU C 115 -5.95 -14.02 23.00
C GLU C 115 -5.00 -14.87 22.18
N LYS C 116 -5.49 -15.49 21.12
CA LYS C 116 -4.65 -16.33 20.23
C LYS C 116 -3.57 -15.47 19.57
N TRP C 117 -3.90 -14.24 19.17
CA TRP C 117 -2.89 -13.30 18.60
C TRP C 117 -2.05 -12.70 19.73
N LEU C 118 -2.67 -12.45 20.86
CA LEU C 118 -2.00 -11.85 22.04
C LEU C 118 -0.94 -12.81 22.58
N LYS C 119 -1.23 -14.12 22.56
CA LYS C 119 -0.28 -15.15 23.06
C LYS C 119 0.74 -15.51 21.98
N ALA C 120 0.60 -14.94 20.77
CA ALA C 120 1.48 -15.12 19.59
C ALA C 120 1.49 -16.58 19.12
N ALA C 121 0.33 -17.25 19.08
CA ALA C 121 0.22 -18.59 18.47
C ALA C 121 0.56 -18.49 16.98
N PRO C 122 1.17 -19.52 16.36
CA PRO C 122 1.39 -19.49 14.90
C PRO C 122 0.07 -19.66 14.12
N ALA C 123 -1.00 -20.11 14.80
CA ALA C 123 -2.35 -20.24 14.18
C ALA C 123 -3.15 -18.93 14.30
N ALA C 124 -2.56 -17.88 14.88
CA ALA C 124 -3.18 -16.53 14.92
C ALA C 124 -3.20 -15.89 13.52
N PHE C 125 -4.06 -14.90 13.35
CA PHE C 125 -4.28 -14.19 12.06
C PHE C 125 -2.99 -13.45 11.76
N ASP C 126 -2.59 -13.32 10.50
CA ASP C 126 -1.41 -12.50 10.17
C ASP C 126 -1.83 -11.04 10.07
N TRP C 127 -1.35 -10.20 10.98
CA TRP C 127 -1.67 -8.76 11.04
C TRP C 127 -0.55 -7.95 10.41
N SER C 128 0.62 -8.55 10.18
CA SER C 128 1.90 -7.87 9.81
C SER C 128 1.73 -6.75 8.77
N PRO C 129 1.04 -6.98 7.62
CA PRO C 129 0.93 -5.92 6.61
C PRO C 129 0.30 -4.66 7.21
N VAL C 130 -0.70 -4.84 8.07
CA VAL C 130 -1.36 -3.72 8.81
C VAL C 130 -0.32 -3.06 9.72
N VAL C 131 0.38 -3.90 10.48
CA VAL C 131 1.38 -3.41 11.47
C VAL C 131 2.41 -2.53 10.75
N THR C 132 2.81 -2.90 9.54
CA THR C 132 3.81 -2.13 8.76
C THR C 132 3.25 -0.79 8.32
N TYR C 133 2.00 -0.76 7.84
CA TYR C 133 1.29 0.48 7.45
C TYR C 133 1.35 1.48 8.60
N VAL C 134 1.04 1.02 9.81
CA VAL C 134 0.98 1.89 11.02
C VAL C 134 2.41 2.27 11.43
N CYS C 135 3.36 1.34 11.36
CA CYS C 135 4.79 1.66 11.58
C CYS C 135 5.20 2.77 10.60
N ASP C 136 4.72 2.71 9.35
CA ASP C 136 5.02 3.72 8.31
C ASP C 136 4.44 5.09 8.67
N LEU C 137 3.14 5.18 8.94
CA LEU C 137 2.48 6.48 9.31
C LEU C 137 3.23 7.16 10.44
N GLU C 138 3.57 6.40 11.48
CA GLU C 138 4.33 6.89 12.66
C GLU C 138 5.74 7.28 12.23
N GLY C 139 6.14 6.96 11.01
CA GLY C 139 7.41 7.46 10.43
C GLY C 139 8.54 6.46 10.57
N ASN C 140 8.23 5.21 10.93
CA ASN C 140 9.24 4.13 11.05
C ASN C 140 10.24 4.47 12.17
N ARG C 141 9.73 4.81 13.35
CA ARG C 141 10.53 4.85 14.59
C ARG C 141 10.83 3.39 14.97
N VAL C 142 9.80 2.54 14.90
CA VAL C 142 9.87 1.10 15.32
C VAL C 142 9.61 0.20 14.11
N LYS C 143 10.15 -1.02 14.13
CA LYS C 143 9.83 -2.06 13.12
C LYS C 143 8.66 -2.88 13.62
N GLY C 144 8.11 -3.73 12.74
CA GLY C 144 6.88 -4.52 12.95
C GLY C 144 6.84 -5.38 14.22
N PRO C 145 7.85 -6.26 14.43
CA PRO C 145 7.95 -7.10 15.64
C PRO C 145 8.06 -6.33 16.96
N GLU C 146 8.63 -5.12 16.89
CA GLU C 146 8.80 -4.23 18.05
C GLU C 146 7.49 -3.48 18.30
N LYS C 147 6.76 -3.17 17.25
CA LYS C 147 5.46 -2.49 17.37
C LYS C 147 4.44 -3.46 17.92
N GLU C 148 4.47 -4.70 17.46
CA GLU C 148 3.58 -5.78 17.97
C GLU C 148 3.82 -6.00 19.46
N GLU C 149 5.06 -6.34 19.83
CA GLU C 149 5.41 -6.67 21.24
C GLU C 149 4.90 -5.59 22.17
N LYS C 150 5.15 -4.33 21.85
CA LYS C 150 4.63 -3.15 22.57
C LYS C 150 3.11 -3.23 22.78
N LEU C 151 2.35 -3.65 21.77
CA LEU C 151 0.88 -3.76 21.90
C LEU C 151 0.55 -4.95 22.80
N ARG C 152 1.35 -6.00 22.72
CA ARG C 152 1.11 -7.21 23.54
C ARG C 152 1.27 -6.87 25.03
N GLN C 153 2.09 -5.87 25.35
CA GLN C 153 2.30 -5.48 26.77
C GLN C 153 1.18 -4.56 27.19
N ALA C 154 0.82 -3.62 26.34
CA ALA C 154 -0.24 -2.62 26.59
C ALA C 154 -1.55 -3.30 27.03
N VAL C 155 -1.90 -4.41 26.38
CA VAL C 155 -3.21 -5.08 26.65
C VAL C 155 -3.15 -5.76 28.02
N LYS C 156 -3.63 -5.06 29.03
CA LYS C 156 -3.57 -5.54 30.43
C LYS C 156 -4.70 -6.54 30.71
N GLN C 157 -5.85 -6.41 30.06
CA GLN C 157 -6.98 -7.34 30.32
C GLN C 157 -7.84 -7.53 29.10
N VAL C 158 -8.50 -8.70 29.06
CA VAL C 158 -9.53 -9.07 28.06
C VAL C 158 -10.80 -9.28 28.88
N LEU C 159 -11.97 -8.87 28.42
CA LEU C 159 -13.17 -9.03 29.28
C LEU C 159 -14.40 -9.27 28.42
N LYS C 160 -15.44 -9.83 29.02
CA LYS C 160 -16.78 -9.90 28.39
C LYS C 160 -17.38 -8.51 28.53
N CYS C 161 -18.32 -8.19 27.67
CA CYS C 161 -18.81 -6.81 27.49
C CYS C 161 -20.24 -6.81 26.95
N ASP C 162 -21.11 -5.97 27.51
CA ASP C 162 -22.40 -5.66 26.82
C ASP C 162 -22.75 -4.19 27.00
N VAL C 163 -22.79 -3.44 25.90
CA VAL C 163 -23.12 -1.99 25.89
C VAL C 163 -24.62 -1.72 26.11
N THR C 164 -25.50 -2.68 25.88
CA THR C 164 -26.93 -2.46 26.17
C THR C 164 -27.11 -2.30 27.69
N GLN C 165 -26.28 -2.98 28.51
CA GLN C 165 -26.45 -3.02 29.99
C GLN C 165 -25.73 -1.82 30.59
N SER C 166 -26.29 -1.25 31.65
CA SER C 166 -25.88 0.07 32.18
C SER C 166 -24.53 -0.02 32.90
N GLN C 167 -24.03 -1.23 33.16
CA GLN C 167 -22.61 -1.44 33.55
C GLN C 167 -22.01 -2.38 32.50
N PRO C 168 -21.61 -1.81 31.34
CA PRO C 168 -21.20 -2.59 30.18
C PRO C 168 -20.11 -3.63 30.45
N LEU C 169 -19.42 -3.54 31.59
CA LEU C 169 -18.41 -4.57 31.96
C LEU C 169 -18.83 -5.32 33.22
N GLY C 170 -20.14 -5.31 33.52
CA GLY C 170 -20.76 -6.09 34.59
C GLY C 170 -20.27 -5.63 35.95
N ALA C 171 -19.84 -6.58 36.78
CA ALA C 171 -19.28 -6.25 38.12
C ALA C 171 -17.84 -5.72 37.95
N VAL C 172 -17.14 -6.23 36.93
CA VAL C 172 -15.64 -6.20 36.82
C VAL C 172 -15.13 -4.80 37.15
N PRO C 173 -14.54 -4.61 38.35
CA PRO C 173 -14.09 -3.30 38.80
C PRO C 173 -12.91 -2.83 37.95
N LEU C 174 -13.00 -1.58 37.49
CA LEU C 174 -11.89 -0.93 36.73
C LEU C 174 -11.77 0.54 37.13
N PRO C 175 -10.59 1.14 36.98
CA PRO C 175 -10.50 2.58 37.17
C PRO C 175 -11.31 3.27 36.08
N PRO C 176 -11.87 4.47 36.32
CA PRO C 176 -12.32 5.29 35.22
C PRO C 176 -11.18 5.49 34.21
N ALA C 177 -11.53 5.34 32.94
CA ALA C 177 -10.59 5.39 31.81
C ALA C 177 -10.50 6.80 31.28
N ASP C 178 -9.38 7.08 30.61
CA ASP C 178 -9.11 8.33 29.88
C ASP C 178 -9.73 8.20 28.50
N CYS C 179 -10.02 6.97 28.07
CA CYS C 179 -10.58 6.78 26.72
C CYS C 179 -11.37 5.48 26.56
N VAL C 180 -12.53 5.62 25.92
CA VAL C 180 -13.34 4.49 25.41
C VAL C 180 -13.31 4.58 23.89
N LEU C 181 -12.73 3.57 23.25
CA LEU C 181 -12.68 3.45 21.78
C LEU C 181 -13.76 2.44 21.35
N SER C 182 -14.34 2.64 20.19
CA SER C 182 -15.38 1.73 19.64
C SER C 182 -15.32 1.81 18.12
N THR C 183 -14.97 0.71 17.49
CA THR C 183 -14.85 0.66 16.02
C THR C 183 -15.92 -0.27 15.48
N LEU C 184 -16.84 0.29 14.67
CA LEU C 184 -17.92 -0.44 13.99
C LEU C 184 -18.57 -1.43 14.94
N CYS C 185 -18.77 -1.02 16.18
CA CYS C 185 -19.46 -1.89 17.17
C CYS C 185 -20.93 -1.46 17.29
N LEU C 186 -21.13 -0.18 17.60
CA LEU C 186 -22.45 0.36 18.02
C LEU C 186 -23.51 0.27 16.90
N ASP C 187 -23.13 0.48 15.63
CA ASP C 187 -24.09 0.30 14.50
C ASP C 187 -24.66 -1.13 14.56
N ALA C 188 -23.81 -2.12 14.84
CA ALA C 188 -24.20 -3.55 14.89
C ALA C 188 -24.89 -3.88 16.22
N ALA C 189 -24.58 -3.10 17.25
CA ALA C 189 -25.07 -3.34 18.62
C ALA C 189 -26.50 -2.85 18.75
N CYS C 190 -26.77 -1.60 18.37
CA CYS C 190 -28.01 -0.89 18.72
C CYS C 190 -29.06 -1.05 17.63
N PRO C 191 -30.25 -1.59 17.96
CA PRO C 191 -31.37 -1.69 17.02
C PRO C 191 -32.10 -0.37 16.78
N ASP C 192 -31.98 0.62 17.67
CA ASP C 192 -32.67 1.91 17.44
C ASP C 192 -31.96 3.09 18.12
N LEU C 193 -32.52 4.30 17.92
CA LEU C 193 -31.89 5.60 18.28
C LEU C 193 -31.98 5.85 19.80
N PRO C 194 -33.02 5.40 20.53
CA PRO C 194 -32.90 5.34 21.99
C PRO C 194 -31.75 4.43 22.42
N THR C 195 -31.74 3.17 21.95
CA THR C 195 -30.70 2.16 22.31
C THR C 195 -29.31 2.72 22.03
N TYR C 196 -29.09 3.28 20.85
CA TYR C 196 -27.82 3.94 20.49
C TYR C 196 -27.48 4.97 21.57
N CYS C 197 -28.39 5.89 21.90
CA CYS C 197 -28.09 7.03 22.82
C CYS C 197 -27.91 6.52 24.27
N ARG C 198 -28.57 5.42 24.63
CA ARG C 198 -28.38 4.81 25.98
C ARG C 198 -26.97 4.20 26.04
N ALA C 199 -26.55 3.53 24.96
CA ALA C 199 -25.27 2.79 24.88
C ALA C 199 -24.11 3.76 25.07
N LEU C 200 -24.25 4.96 24.53
CA LEU C 200 -23.27 6.05 24.70
C LEU C 200 -23.25 6.44 26.17
N ARG C 201 -24.42 6.73 26.76
CA ARG C 201 -24.56 6.93 28.23
C ARG C 201 -23.81 5.81 28.96
N ASN C 202 -24.18 4.56 28.69
CA ASN C 202 -23.55 3.40 29.36
C ASN C 202 -22.01 3.39 29.20
N LEU C 203 -21.50 3.57 27.99
CA LEU C 203 -20.04 3.63 27.75
C LEU C 203 -19.44 4.78 28.53
N GLY C 204 -20.18 5.86 28.76
CA GLY C 204 -19.68 7.09 29.41
C GLY C 204 -19.43 6.90 30.89
N SER C 205 -19.92 5.80 31.45
CA SER C 205 -19.82 5.49 32.90
C SER C 205 -18.43 4.91 33.20
N LEU C 206 -17.72 4.44 32.17
CA LEU C 206 -16.35 3.94 32.35
C LEU C 206 -15.40 5.08 32.08
N LEU C 207 -15.91 6.30 31.86
CA LEU C 207 -15.06 7.43 31.40
C LEU C 207 -14.92 8.49 32.49
N LYS C 208 -13.77 9.16 32.53
CA LYS C 208 -13.52 10.31 33.43
C LYS C 208 -14.39 11.51 33.05
N PRO C 209 -14.76 12.38 34.00
CA PRO C 209 -15.09 13.74 33.62
C PRO C 209 -13.97 14.29 32.71
N GLY C 210 -14.31 14.51 31.45
CA GLY C 210 -13.40 15.13 30.47
C GLY C 210 -12.72 14.08 29.63
N GLY C 211 -13.05 12.81 29.85
CA GLY C 211 -12.48 11.68 29.10
C GLY C 211 -12.78 11.77 27.62
N PHE C 212 -11.99 11.07 26.82
CA PHE C 212 -12.19 11.01 25.36
C PHE C 212 -13.08 9.82 24.98
N LEU C 213 -14.01 10.09 24.07
CA LEU C 213 -14.90 9.08 23.48
C LEU C 213 -14.53 9.04 22.02
N VAL C 214 -14.09 7.90 21.52
CA VAL C 214 -13.55 7.83 20.13
C VAL C 214 -14.32 6.77 19.35
N ILE C 215 -15.36 7.19 18.64
CA ILE C 215 -16.24 6.24 17.89
C ILE C 215 -16.00 6.36 16.38
N MET C 216 -15.81 5.23 15.73
CA MET C 216 -15.77 5.13 14.26
C MET C 216 -16.84 4.12 13.85
N ASP C 217 -17.70 4.48 12.91
CA ASP C 217 -18.73 3.51 12.45
C ASP C 217 -19.21 3.85 11.05
N ALA C 218 -20.15 3.06 10.54
CA ALA C 218 -20.73 3.19 9.19
C ALA C 218 -21.87 4.21 9.16
N LEU C 219 -21.93 4.95 8.07
CA LEU C 219 -22.96 5.99 7.84
C LEU C 219 -24.04 5.48 6.88
N LYS C 220 -25.30 5.76 7.23
CA LYS C 220 -26.49 5.47 6.38
C LYS C 220 -26.34 4.05 5.80
N SER C 221 -26.55 3.08 6.68
CA SER C 221 -26.19 1.66 6.46
C SER C 221 -27.15 0.76 7.23
N SER C 222 -27.66 -0.31 6.60
CA SER C 222 -28.72 -1.18 7.20
C SER C 222 -28.27 -2.62 7.42
N TYR C 223 -27.16 -3.07 6.85
CA TYR C 223 -26.69 -4.44 7.13
C TYR C 223 -25.21 -4.54 6.79
N TYR C 224 -24.57 -5.64 7.20
CA TYR C 224 -23.26 -6.06 6.64
C TYR C 224 -23.19 -7.59 6.49
N MET C 225 -22.19 -8.03 5.71
CA MET C 225 -22.02 -9.46 5.39
C MET C 225 -20.63 -9.96 5.83
N ILE C 226 -20.67 -11.05 6.61
CA ILE C 226 -19.51 -11.98 6.79
C ILE C 226 -19.82 -13.22 5.93
N GLY C 227 -19.37 -13.19 4.66
CA GLY C 227 -19.55 -14.31 3.72
C GLY C 227 -20.97 -14.36 3.18
N GLU C 228 -21.79 -15.29 3.66
CA GLU C 228 -23.24 -15.37 3.30
C GLU C 228 -24.07 -15.11 4.57
N GLN C 229 -23.42 -14.83 5.70
CA GLN C 229 -24.13 -14.56 6.98
C GLN C 229 -24.43 -13.06 7.11
N LYS C 230 -25.72 -12.75 7.20
CA LYS C 230 -26.21 -11.34 7.22
C LYS C 230 -26.29 -10.87 8.67
N PHE C 231 -25.96 -9.59 8.88
CA PHE C 231 -26.03 -8.91 10.20
C PHE C 231 -26.60 -7.51 10.03
N SER C 232 -27.72 -7.24 10.71
CA SER C 232 -28.40 -5.92 10.70
C SER C 232 -27.40 -4.83 11.08
N SER C 233 -27.70 -3.58 10.68
CA SER C 233 -26.96 -2.35 11.08
C SER C 233 -27.97 -1.22 11.31
N LEU C 234 -27.70 -0.33 12.26
CA LEU C 234 -28.51 0.89 12.50
C LEU C 234 -28.28 1.90 11.38
N PRO C 235 -29.34 2.23 10.58
CA PRO C 235 -29.17 3.18 9.49
C PRO C 235 -29.22 4.59 10.09
N LEU C 236 -28.05 5.20 10.28
CA LEU C 236 -27.98 6.55 10.88
C LEU C 236 -26.88 7.40 10.24
N GLY C 237 -27.08 8.72 10.30
CA GLY C 237 -26.32 9.72 9.53
C GLY C 237 -25.61 10.78 10.38
N ARG C 238 -24.85 11.62 9.68
CA ARG C 238 -24.10 12.77 10.20
C ARG C 238 -24.85 13.41 11.38
N GLU C 239 -26.08 13.88 11.12
CA GLU C 239 -26.89 14.71 12.07
C GLU C 239 -27.50 13.85 13.17
N ALA C 240 -27.83 12.57 12.91
CA ALA C 240 -28.37 11.62 13.92
C ALA C 240 -27.27 11.13 14.87
N VAL C 241 -26.07 10.85 14.34
CA VAL C 241 -24.87 10.45 15.16
C VAL C 241 -24.58 11.59 16.14
N GLU C 242 -24.37 12.79 15.59
CA GLU C 242 -24.03 14.01 16.35
C GLU C 242 -25.13 14.37 17.37
N ALA C 243 -26.40 14.24 17.02
CA ALA C 243 -27.50 14.56 17.93
C ALA C 243 -27.47 13.61 19.14
N ALA C 244 -27.17 12.32 18.88
CA ALA C 244 -27.18 11.23 19.88
C ALA C 244 -26.02 11.39 20.87
N VAL C 245 -24.83 11.75 20.39
CA VAL C 245 -23.63 11.99 21.25
C VAL C 245 -23.93 13.15 22.20
N LYS C 246 -24.31 14.29 21.64
CA LYS C 246 -24.67 15.49 22.44
C LYS C 246 -25.66 15.09 23.56
N GLU C 247 -26.71 14.35 23.20
CA GLU C 247 -27.83 14.00 24.13
C GLU C 247 -27.36 13.01 25.20
N ALA C 248 -26.15 12.44 25.04
CA ALA C 248 -25.62 11.36 25.92
C ALA C 248 -24.64 11.90 26.96
N GLY C 249 -24.14 13.12 26.79
CA GLY C 249 -23.37 13.77 27.87
C GLY C 249 -21.97 14.12 27.44
N TYR C 250 -21.82 14.44 26.17
CA TYR C 250 -20.51 14.74 25.56
C TYR C 250 -20.59 15.99 24.70
N THR C 251 -19.49 16.71 24.64
CA THR C 251 -19.32 17.80 23.64
C THR C 251 -18.35 17.34 22.55
N ILE C 252 -18.83 17.16 21.32
CA ILE C 252 -18.05 16.66 20.15
C ILE C 252 -16.84 17.57 19.93
N GLU C 253 -15.65 16.97 19.90
CA GLU C 253 -14.37 17.68 19.69
C GLU C 253 -13.99 17.63 18.21
N TRP C 254 -14.18 16.52 17.52
CA TRP C 254 -13.96 16.49 16.05
C TRP C 254 -14.87 15.45 15.41
N PHE C 255 -15.18 15.67 14.14
CA PHE C 255 -16.11 14.81 13.38
C PHE C 255 -15.61 14.70 11.96
N GLU C 256 -15.67 13.52 11.36
CA GLU C 256 -15.27 13.32 9.96
C GLU C 256 -16.31 12.46 9.25
N VAL C 257 -16.50 12.75 7.96
CA VAL C 257 -17.29 11.90 7.03
C VAL C 257 -16.30 11.46 5.96
N ILE C 258 -16.44 10.21 5.54
CA ILE C 258 -15.66 9.64 4.42
C ILE C 258 -16.71 9.15 3.41
N SER C 259 -16.40 9.20 2.12
CA SER C 259 -17.27 8.70 1.02
C SER C 259 -17.09 7.20 0.91
N GLN C 260 -15.83 6.75 0.98
CA GLN C 260 -15.47 5.32 0.73
C GLN C 260 -16.57 4.44 1.35
N SER C 261 -17.25 3.67 0.52
CA SER C 261 -18.20 2.62 1.00
C SER C 261 -17.59 1.24 0.86
N TYR C 262 -18.08 0.29 1.65
CA TYR C 262 -17.64 -1.11 1.53
C TYR C 262 -18.01 -1.64 0.14
N SER C 263 -17.58 -2.86 -0.15
CA SER C 263 -17.90 -3.57 -1.42
C SER C 263 -19.41 -3.76 -1.51
N SER C 264 -19.93 -3.78 -2.75
CA SER C 264 -21.37 -3.96 -3.02
C SER C 264 -21.78 -5.35 -2.53
N THR C 265 -20.84 -6.27 -2.40
CA THR C 265 -21.13 -7.66 -1.96
C THR C 265 -21.37 -7.72 -0.45
N MET C 266 -20.93 -6.74 0.35
CA MET C 266 -20.84 -6.89 1.84
C MET C 266 -21.66 -5.86 2.63
N ALA C 267 -21.81 -4.62 2.17
CA ALA C 267 -22.63 -3.63 2.90
C ALA C 267 -23.22 -2.59 1.96
N ASN C 268 -24.46 -2.19 2.26
CA ASN C 268 -25.18 -1.08 1.57
C ASN C 268 -24.89 0.29 2.21
N ASN C 269 -23.68 0.48 2.74
CA ASN C 269 -23.31 1.71 3.48
C ASN C 269 -22.95 2.80 2.49
N GLU C 270 -23.23 4.06 2.84
CA GLU C 270 -22.84 5.21 2.00
C GLU C 270 -21.47 5.72 2.45
N GLY C 271 -20.98 5.33 3.61
CA GLY C 271 -19.63 5.70 4.05
C GLY C 271 -19.45 5.54 5.54
N LEU C 272 -18.35 6.08 6.05
CA LEU C 272 -17.99 5.99 7.48
C LEU C 272 -17.72 7.38 8.05
N PHE C 273 -17.88 7.49 9.36
CA PHE C 273 -17.57 8.71 10.14
C PHE C 273 -16.60 8.33 11.26
N SER C 274 -15.79 9.31 11.64
CA SER C 274 -14.91 9.22 12.82
C SER C 274 -15.27 10.39 13.70
N LEU C 275 -15.36 10.19 15.01
CA LEU C 275 -15.51 11.33 15.93
C LEU C 275 -14.77 11.12 17.22
N VAL C 276 -14.35 12.23 17.82
CA VAL C 276 -13.85 12.35 19.20
C VAL C 276 -14.85 13.24 19.93
N ALA C 277 -15.27 12.82 21.11
CA ALA C 277 -16.17 13.60 21.99
C ALA C 277 -15.66 13.48 23.42
N ARG C 278 -15.68 14.57 24.15
CA ARG C 278 -15.23 14.55 25.56
C ARG C 278 -16.43 14.51 26.50
N LYS C 279 -16.22 13.98 27.70
CA LYS C 279 -17.32 13.86 28.67
C LYS C 279 -17.48 15.19 29.43
N LEU C 280 -18.70 15.75 29.42
CA LEU C 280 -19.10 16.95 30.20
C LEU C 280 -18.74 16.74 31.69
N SER C 281 -18.82 17.82 32.46
CA SER C 281 -18.87 17.78 33.96
C SER C 281 -20.26 17.26 34.41
N PHE D 25 -18.71 47.97 14.01
CA PHE D 25 -17.85 46.87 13.46
C PHE D 25 -16.88 47.44 12.42
N THR D 26 -15.63 46.96 12.45
CA THR D 26 -14.51 47.43 11.58
C THR D 26 -14.91 47.23 10.11
N SER D 27 -14.77 48.28 9.30
CA SER D 27 -15.07 48.28 7.85
C SER D 27 -13.79 48.01 7.08
N LYS D 28 -13.92 47.58 5.83
CA LYS D 28 -12.78 47.08 5.02
C LYS D 28 -11.72 48.18 4.82
N ASP D 29 -12.12 49.44 4.82
CA ASP D 29 -11.16 50.56 4.53
C ASP D 29 -10.18 50.75 5.70
N THR D 30 -10.42 50.08 6.84
CA THR D 30 -9.57 50.17 8.05
C THR D 30 -8.42 49.16 7.94
N TYR D 31 -8.60 48.17 7.09
CA TYR D 31 -7.52 47.21 6.77
C TYR D 31 -6.60 47.86 5.74
N LEU D 32 -7.15 48.71 4.87
CA LEU D 32 -6.31 49.58 3.99
C LEU D 32 -5.56 50.60 4.84
N SER D 33 -6.16 51.06 5.94
CA SER D 33 -5.69 52.22 6.75
C SER D 33 -4.78 51.82 7.93
N HIS D 34 -5.18 50.81 8.72
CA HIS D 34 -4.64 50.54 10.08
C HIS D 34 -4.13 49.12 10.30
N PHE D 35 -4.31 48.19 9.36
CA PHE D 35 -3.67 46.87 9.46
C PHE D 35 -2.19 47.01 9.07
N ASN D 36 -1.32 46.99 10.08
CA ASN D 36 0.16 47.01 9.90
C ASN D 36 0.64 45.58 9.67
N PRO D 37 1.17 45.24 8.47
CA PRO D 37 1.51 43.85 8.16
C PRO D 37 2.68 43.36 9.00
N ARG D 38 3.59 44.27 9.36
CA ARG D 38 4.83 43.91 10.09
C ARG D 38 4.54 43.69 11.56
N ASP D 39 3.62 44.46 12.12
CA ASP D 39 3.18 44.21 13.52
C ASP D 39 2.52 42.83 13.63
N TYR D 40 1.62 42.56 12.68
CA TYR D 40 0.73 41.39 12.70
C TYR D 40 1.59 40.14 12.74
N LEU D 41 2.60 40.12 11.86
CA LEU D 41 3.63 39.04 11.85
C LEU D 41 4.42 39.01 13.16
N GLU D 42 4.86 40.16 13.67
CA GLU D 42 5.63 40.22 14.96
C GLU D 42 4.81 39.73 16.16
N LYS D 43 3.54 40.11 16.27
CA LYS D 43 2.73 39.79 17.46
C LYS D 43 2.29 38.33 17.39
N TYR D 44 2.08 37.78 16.18
CA TYR D 44 1.33 36.50 16.09
C TYR D 44 2.15 35.35 15.49
N TYR D 45 3.08 35.54 14.57
CA TYR D 45 3.62 34.39 13.80
C TYR D 45 5.14 34.23 13.96
N LYS D 46 5.67 34.51 15.14
CA LYS D 46 7.09 34.18 15.47
C LYS D 46 7.08 32.85 16.23
N PHE D 47 8.11 32.03 16.10
CA PHE D 47 8.08 30.63 16.63
C PHE D 47 9.34 30.39 17.46
N ARG D 50 10.46 29.52 23.50
CA ARG D 50 9.50 29.90 24.56
C ARG D 50 8.11 29.95 23.94
N HIS D 51 7.22 29.09 24.41
CA HIS D 51 5.87 28.90 23.83
C HIS D 51 4.84 29.74 24.58
N SER D 52 4.11 30.54 23.83
CA SER D 52 2.95 31.32 24.29
C SER D 52 1.69 30.71 23.70
N ALA D 53 0.55 31.36 23.93
CA ALA D 53 -0.77 30.99 23.38
C ALA D 53 -0.79 31.09 21.85
N GLU D 54 -0.13 32.11 21.29
CA GLU D 54 -0.10 32.33 19.82
C GLU D 54 0.65 31.18 19.13
N SER D 55 1.81 30.80 19.67
CA SER D 55 2.60 29.65 19.20
C SER D 55 1.79 28.37 19.39
N GLN D 56 1.14 28.25 20.54
CA GLN D 56 0.38 27.02 20.87
C GLN D 56 -0.69 26.82 19.78
N ILE D 57 -1.36 27.89 19.36
CA ILE D 57 -2.44 27.77 18.32
C ILE D 57 -1.77 27.51 16.96
N LEU D 58 -0.67 28.19 16.67
CA LEU D 58 0.03 28.02 15.35
C LEU D 58 0.47 26.56 15.15
N LYS D 59 0.92 25.90 16.21
CA LYS D 59 1.33 24.47 16.14
C LYS D 59 0.09 23.65 15.79
N HIS D 60 -1.05 24.04 16.32
CA HIS D 60 -2.29 23.24 16.14
C HIS D 60 -2.84 23.45 14.74
N LEU D 61 -2.65 24.65 14.20
CA LEU D 61 -3.07 25.07 12.83
C LEU D 61 -2.25 24.32 11.80
N LEU D 62 -0.93 24.33 11.96
CA LEU D 62 0.00 23.62 11.03
C LEU D 62 -0.35 22.13 10.98
N LYS D 63 -0.50 21.49 12.13
CA LYS D 63 -0.85 20.04 12.23
C LYS D 63 -2.15 19.77 11.48
N ASN D 64 -3.13 20.64 11.63
CA ASN D 64 -4.42 20.56 10.89
C ASN D 64 -4.20 20.65 9.37
N LEU D 65 -3.45 21.66 8.96
CA LEU D 65 -3.16 21.87 7.52
C LEU D 65 -2.39 20.67 6.99
N PHE D 66 -1.39 20.20 7.72
CA PHE D 66 -0.63 18.99 7.34
C PHE D 66 -1.55 17.77 7.31
N LYS D 67 -2.50 17.68 8.26
CA LYS D 67 -3.52 16.60 8.28
C LYS D 67 -4.42 16.67 7.04
N ILE D 68 -4.85 17.87 6.64
CA ILE D 68 -5.83 18.01 5.54
C ILE D 68 -5.13 17.79 4.21
N PHE D 69 -3.99 18.44 3.99
CA PHE D 69 -3.37 18.48 2.64
C PHE D 69 -2.43 17.29 2.43
N CYS D 70 -1.89 16.65 3.49
CA CYS D 70 -0.95 15.49 3.35
C CYS D 70 -1.54 14.15 3.75
N LEU D 71 -2.32 14.07 4.82
CA LEU D 71 -2.90 12.78 5.24
C LEU D 71 -4.25 12.57 4.56
N ASP D 72 -5.11 13.58 4.48
CA ASP D 72 -6.39 13.40 3.77
C ASP D 72 -6.17 13.46 2.25
N GLY D 73 -7.20 13.13 1.48
CA GLY D 73 -7.09 13.12 0.02
C GLY D 73 -7.25 14.50 -0.63
N VAL D 74 -6.67 15.57 -0.08
CA VAL D 74 -6.97 16.93 -0.62
C VAL D 74 -5.86 17.39 -1.54
N LYS D 75 -6.10 17.27 -2.84
CA LYS D 75 -5.12 17.64 -3.87
C LYS D 75 -5.87 18.26 -5.04
N GLY D 76 -5.13 18.71 -6.03
CA GLY D 76 -5.68 19.27 -7.27
C GLY D 76 -4.64 20.13 -7.94
N ASP D 77 -5.05 20.87 -8.95
CA ASP D 77 -4.14 21.79 -9.66
C ASP D 77 -4.19 23.14 -8.94
N LEU D 78 -5.37 23.73 -8.74
CA LEU D 78 -5.42 25.13 -8.24
C LEU D 78 -5.97 25.21 -6.83
N LEU D 79 -5.17 25.86 -5.97
CA LEU D 79 -5.62 26.33 -4.66
C LEU D 79 -5.57 27.84 -4.61
N ILE D 80 -6.73 28.41 -4.29
CA ILE D 80 -6.94 29.87 -4.09
C ILE D 80 -6.97 30.05 -2.58
N ASP D 81 -6.25 31.07 -2.11
CA ASP D 81 -6.10 31.44 -0.67
C ASP D 81 -6.72 32.81 -0.42
N ILE D 82 -7.65 32.86 0.52
CA ILE D 82 -8.50 34.06 0.72
C ILE D 82 -8.09 34.71 2.03
N GLY D 83 -7.78 36.01 1.96
CA GLY D 83 -7.39 36.77 3.14
C GLY D 83 -6.08 36.23 3.67
N SER D 84 -5.19 35.85 2.74
CA SER D 84 -3.80 35.40 3.01
C SER D 84 -3.24 36.28 4.10
N GLY D 85 -3.46 37.59 3.94
CA GLY D 85 -2.78 38.67 4.69
C GLY D 85 -1.31 38.67 4.29
N PRO D 86 -0.40 39.06 5.18
CA PRO D 86 1.01 39.04 4.87
C PRO D 86 1.67 37.70 5.18
N THR D 87 0.86 36.66 5.39
CA THR D 87 1.37 35.35 5.89
C THR D 87 1.36 34.30 4.78
N ILE D 88 2.32 33.38 4.92
CA ILE D 88 2.48 32.19 4.05
C ILE D 88 2.32 30.87 4.83
N TYR D 89 2.25 30.87 6.16
CA TYR D 89 2.29 29.63 6.98
C TYR D 89 1.30 28.60 6.43
N GLN D 90 0.10 29.03 6.04
CA GLN D 90 -1.04 28.15 5.66
C GLN D 90 -0.83 27.53 4.30
N LEU D 91 0.23 27.92 3.57
CA LEU D 91 0.47 27.41 2.20
C LEU D 91 1.54 26.32 2.25
N LEU D 92 2.15 26.09 3.41
CA LEU D 92 3.37 25.25 3.52
C LEU D 92 3.08 23.76 3.34
N SER D 93 1.90 23.28 3.76
CA SER D 93 1.50 21.88 3.51
C SER D 93 0.72 21.78 2.19
N ALA D 94 0.01 22.84 1.83
CA ALA D 94 -0.84 22.84 0.62
C ALA D 94 0.02 22.75 -0.65
N CYS D 95 1.24 23.28 -0.65
CA CYS D 95 2.10 23.28 -1.86
C CYS D 95 2.62 21.88 -2.14
N GLU D 96 2.40 20.94 -1.24
CA GLU D 96 2.76 19.50 -1.46
C GLU D 96 1.71 18.85 -2.35
N SER D 97 0.46 19.23 -2.16
CA SER D 97 -0.70 18.59 -2.79
C SER D 97 -1.23 19.40 -3.96
N PHE D 98 -0.79 20.64 -4.16
CA PHE D 98 -1.33 21.50 -5.24
C PHE D 98 -0.24 22.10 -6.13
N LYS D 99 -0.53 22.07 -7.42
CA LYS D 99 0.37 22.55 -8.49
C LYS D 99 0.42 24.07 -8.48
N GLU D 100 -0.73 24.72 -8.36
CA GLU D 100 -0.77 26.19 -8.42
C GLU D 100 -1.46 26.74 -7.18
N ILE D 101 -0.92 27.84 -6.67
CA ILE D 101 -1.49 28.58 -5.52
C ILE D 101 -1.57 30.06 -5.89
N VAL D 102 -2.76 30.59 -5.74
CA VAL D 102 -3.02 32.05 -5.87
C VAL D 102 -3.29 32.59 -4.46
N VAL D 103 -2.64 33.69 -4.09
CA VAL D 103 -2.81 34.33 -2.75
C VAL D 103 -3.51 35.67 -2.91
N THR D 104 -4.51 35.95 -2.07
CA THR D 104 -5.35 37.15 -2.24
C THR D 104 -5.66 37.78 -0.91
N ASP D 105 -5.62 39.10 -0.90
CA ASP D 105 -5.97 39.89 0.30
C ASP D 105 -6.65 41.16 -0.19
N TYR D 106 -7.39 41.80 0.70
CA TYR D 106 -8.06 43.09 0.44
C TYR D 106 -7.05 44.21 0.58
N SER D 107 -5.99 44.01 1.36
CA SER D 107 -4.97 45.07 1.57
C SER D 107 -3.78 44.87 0.66
N ASP D 108 -3.37 45.96 0.05
CA ASP D 108 -2.25 45.99 -0.92
C ASP D 108 -0.95 45.85 -0.11
N GLN D 109 -0.93 46.45 1.09
CA GLN D 109 0.23 46.40 2.01
C GLN D 109 0.51 44.95 2.37
N ASN D 110 -0.52 44.19 2.73
CA ASN D 110 -0.33 42.79 3.14
C ASN D 110 0.32 42.06 1.99
N LEU D 111 -0.34 42.07 0.84
CA LEU D 111 0.14 41.35 -0.37
C LEU D 111 1.59 41.76 -0.62
N GLN D 112 1.88 43.06 -0.45
CA GLN D 112 3.22 43.66 -0.68
C GLN D 112 4.23 43.01 0.26
N GLU D 113 3.84 42.77 1.51
CA GLU D 113 4.69 42.08 2.52
C GLU D 113 4.86 40.61 2.14
N LEU D 114 3.80 40.03 1.58
CA LEU D 114 3.85 38.66 1.01
C LEU D 114 4.94 38.63 -0.04
N GLU D 115 4.90 39.57 -0.98
CA GLU D 115 5.74 39.52 -2.20
C GLU D 115 7.22 39.72 -1.83
N LYS D 116 7.50 40.49 -0.80
CA LYS D 116 8.89 40.63 -0.31
C LYS D 116 9.42 39.24 0.02
N TRP D 117 8.63 38.46 0.76
CA TRP D 117 9.04 37.09 1.14
C TRP D 117 9.12 36.22 -0.11
N LEU D 118 8.14 36.35 -0.98
CA LEU D 118 8.13 35.59 -2.24
C LEU D 118 9.41 35.87 -3.01
N LYS D 119 9.91 37.11 -3.00
CA LYS D 119 11.11 37.48 -3.79
C LYS D 119 12.39 37.18 -3.01
N ALA D 120 12.25 36.79 -1.74
CA ALA D 120 13.35 36.35 -0.87
C ALA D 120 14.26 37.53 -0.49
N ALA D 121 13.74 38.76 -0.45
CA ALA D 121 14.52 39.95 -0.04
C ALA D 121 14.86 39.88 1.46
N PRO D 122 16.07 40.32 1.90
CA PRO D 122 16.50 40.18 3.31
C PRO D 122 15.56 40.81 4.36
N ALA D 123 14.78 41.83 3.95
CA ALA D 123 13.81 42.57 4.81
C ALA D 123 12.59 41.71 5.17
N ALA D 124 12.28 40.68 4.37
CA ALA D 124 11.10 39.81 4.55
C ALA D 124 11.09 39.21 5.95
N PHE D 125 9.89 38.97 6.47
CA PHE D 125 9.68 38.30 7.78
C PHE D 125 10.47 37.00 7.76
N ASP D 126 11.06 36.61 8.90
CA ASP D 126 11.83 35.35 8.99
C ASP D 126 10.83 34.23 9.23
N TRP D 127 10.73 33.25 8.34
CA TRP D 127 9.71 32.17 8.46
C TRP D 127 10.36 30.87 8.89
N SER D 128 11.69 30.78 8.79
CA SER D 128 12.43 29.50 8.88
C SER D 128 11.92 28.63 10.02
N PRO D 129 11.77 29.14 11.27
CA PRO D 129 11.31 28.26 12.34
C PRO D 129 10.10 27.45 11.89
N VAL D 130 9.02 28.13 11.51
CA VAL D 130 7.77 27.47 11.03
C VAL D 130 8.06 26.51 9.88
N VAL D 131 8.88 26.92 8.92
CA VAL D 131 9.25 26.06 7.76
C VAL D 131 9.78 24.73 8.30
N THR D 132 10.68 24.82 9.27
CA THR D 132 11.39 23.64 9.84
C THR D 132 10.39 22.73 10.58
N TYR D 133 9.44 23.32 11.30
CA TYR D 133 8.39 22.58 12.04
C TYR D 133 7.45 21.82 11.09
N VAL D 134 7.23 22.33 9.89
CA VAL D 134 6.35 21.63 8.91
C VAL D 134 7.13 20.58 8.16
N CYS D 135 8.35 20.88 7.71
CA CYS D 135 9.23 19.81 7.19
C CYS D 135 9.23 18.62 8.17
N ASP D 136 9.32 18.93 9.46
CA ASP D 136 9.27 17.97 10.59
C ASP D 136 8.05 17.06 10.50
N LEU D 137 6.84 17.63 10.51
CA LEU D 137 5.58 16.85 10.40
C LEU D 137 5.62 15.93 9.17
N GLU D 138 6.00 16.48 8.02
CA GLU D 138 5.98 15.74 6.73
C GLU D 138 7.05 14.64 6.76
N GLY D 139 7.85 14.58 7.81
CA GLY D 139 8.73 13.42 8.07
C GLY D 139 10.15 13.73 7.68
N ASN D 140 10.43 14.98 7.40
CA ASN D 140 11.78 15.42 7.00
C ASN D 140 12.13 14.74 5.68
N ARG D 141 11.26 14.82 4.68
CA ARG D 141 11.56 14.31 3.30
C ARG D 141 12.37 15.39 2.57
N VAL D 142 12.14 16.65 3.00
CA VAL D 142 12.84 17.85 2.48
C VAL D 142 13.31 18.70 3.67
N LYS D 143 14.17 19.67 3.38
CA LYS D 143 14.70 20.61 4.38
C LYS D 143 14.03 21.96 4.15
N GLY D 144 14.40 22.94 4.96
CA GLY D 144 13.88 24.32 4.96
C GLY D 144 13.99 25.02 3.61
N PRO D 145 15.21 25.16 3.01
CA PRO D 145 15.39 25.96 1.80
C PRO D 145 14.73 25.34 0.55
N GLU D 146 14.64 24.02 0.59
CA GLU D 146 13.98 23.20 -0.46
C GLU D 146 12.45 23.29 -0.34
N LYS D 147 11.89 23.22 0.87
CA LYS D 147 10.42 23.40 1.05
C LYS D 147 10.01 24.86 0.82
N GLU D 148 10.85 25.81 1.19
CA GLU D 148 10.60 27.24 0.90
C GLU D 148 10.51 27.40 -0.63
N GLU D 149 11.45 26.80 -1.36
CA GLU D 149 11.52 26.93 -2.84
C GLU D 149 10.22 26.39 -3.43
N LYS D 150 9.94 25.11 -3.24
CA LYS D 150 8.67 24.47 -3.65
C LYS D 150 7.50 25.46 -3.54
N LEU D 151 7.36 26.13 -2.39
CA LEU D 151 6.23 27.06 -2.13
C LEU D 151 6.38 28.29 -3.01
N ARG D 152 7.58 28.88 -3.05
CA ARG D 152 7.90 30.05 -3.92
C ARG D 152 7.46 29.74 -5.36
N GLN D 153 7.62 28.51 -5.81
CA GLN D 153 7.19 28.14 -7.18
C GLN D 153 5.70 27.90 -7.22
N ALA D 154 5.13 27.26 -6.21
CA ALA D 154 3.68 26.97 -6.15
C ALA D 154 2.86 28.25 -6.37
N VAL D 155 3.37 29.38 -5.90
CA VAL D 155 2.60 30.65 -5.98
C VAL D 155 2.73 31.14 -7.42
N LYS D 156 1.59 31.37 -8.06
CA LYS D 156 1.55 31.88 -9.45
C LYS D 156 1.12 33.34 -9.46
N GLN D 157 0.15 33.73 -8.65
CA GLN D 157 -0.39 35.11 -8.72
C GLN D 157 -0.57 35.69 -7.32
N VAL D 158 -0.71 37.01 -7.31
CA VAL D 158 -1.01 37.80 -6.10
C VAL D 158 -2.15 38.70 -6.55
N LEU D 159 -3.25 38.77 -5.81
CA LEU D 159 -4.44 39.46 -6.35
C LEU D 159 -5.23 40.22 -5.29
N LYS D 160 -5.95 41.24 -5.76
CA LYS D 160 -7.05 41.93 -5.03
C LYS D 160 -8.10 40.91 -4.61
N CYS D 161 -8.61 41.05 -3.40
CA CYS D 161 -9.61 40.11 -2.85
C CYS D 161 -10.70 40.85 -2.09
N ASP D 162 -11.93 40.43 -2.26
CA ASP D 162 -13.03 41.05 -1.48
C ASP D 162 -14.21 40.09 -1.32
N VAL D 163 -14.19 39.33 -0.24
CA VAL D 163 -15.21 38.28 0.08
C VAL D 163 -16.62 38.89 0.18
N THR D 164 -16.75 40.21 0.34
CA THR D 164 -18.11 40.83 0.41
C THR D 164 -18.71 41.08 -0.98
N GLN D 165 -17.93 40.87 -2.04
CA GLN D 165 -18.41 41.10 -3.41
C GLN D 165 -18.72 39.78 -4.13
N SER D 166 -19.61 39.85 -5.10
CA SER D 166 -20.19 38.68 -5.82
C SER D 166 -19.07 37.96 -6.59
N GLN D 167 -18.17 38.70 -7.21
CA GLN D 167 -16.92 38.11 -7.76
C GLN D 167 -15.79 38.65 -6.90
N PRO D 168 -15.35 37.88 -5.87
CA PRO D 168 -14.39 38.37 -4.87
C PRO D 168 -13.10 38.85 -5.53
N LEU D 169 -12.69 38.19 -6.61
CA LEU D 169 -11.43 38.56 -7.32
C LEU D 169 -11.71 39.57 -8.46
N GLY D 170 -12.85 40.26 -8.41
CA GLY D 170 -13.27 41.20 -9.48
C GLY D 170 -13.43 40.51 -10.83
N ALA D 171 -12.82 41.07 -11.87
CA ALA D 171 -12.87 40.52 -13.25
C ALA D 171 -11.85 39.39 -13.42
N VAL D 172 -10.81 39.35 -12.57
CA VAL D 172 -9.56 38.57 -12.85
C VAL D 172 -9.90 37.10 -13.11
N PRO D 173 -9.72 36.67 -14.37
CA PRO D 173 -10.07 35.33 -14.85
C PRO D 173 -9.09 34.23 -14.42
N LEU D 174 -9.63 33.21 -13.73
CA LEU D 174 -8.89 32.03 -13.23
C LEU D 174 -9.71 30.79 -13.52
N PRO D 175 -9.06 29.63 -13.69
CA PRO D 175 -9.81 28.38 -13.78
C PRO D 175 -10.52 28.12 -12.45
N PRO D 176 -11.63 27.35 -12.47
CA PRO D 176 -12.19 26.87 -11.21
C PRO D 176 -11.11 26.11 -10.43
N ALA D 177 -11.14 26.31 -9.12
CA ALA D 177 -10.17 25.75 -8.16
C ALA D 177 -10.75 24.50 -7.54
N ASP D 178 -9.86 23.56 -7.24
CA ASP D 178 -10.14 22.26 -6.58
C ASP D 178 -10.18 22.51 -5.08
N CYS D 179 -9.68 23.68 -4.65
CA CYS D 179 -9.73 24.05 -3.22
C CYS D 179 -9.66 25.55 -2.98
N VAL D 180 -10.56 26.08 -2.15
CA VAL D 180 -10.46 27.48 -1.62
C VAL D 180 -10.11 27.40 -0.12
N LEU D 181 -9.08 28.14 0.29
CA LEU D 181 -8.53 28.14 1.66
C LEU D 181 -8.71 29.51 2.26
N SER D 182 -9.13 29.61 3.51
CA SER D 182 -9.28 30.89 4.23
C SER D 182 -8.98 30.68 5.71
N THR D 183 -7.84 31.24 6.15
CA THR D 183 -7.41 31.14 7.55
C THR D 183 -7.59 32.49 8.26
N LEU D 184 -8.40 32.49 9.30
CA LEU D 184 -8.56 33.65 10.21
C LEU D 184 -8.83 34.91 9.37
N CYS D 185 -9.74 34.77 8.42
CA CYS D 185 -10.12 35.89 7.54
C CYS D 185 -11.59 36.26 7.80
N LEU D 186 -12.49 35.32 7.53
CA LEU D 186 -13.92 35.65 7.29
C LEU D 186 -14.51 36.37 8.50
N ASP D 187 -14.21 35.91 9.72
CA ASP D 187 -14.65 36.57 10.97
C ASP D 187 -14.37 38.08 10.95
N ALA D 188 -13.16 38.47 10.53
CA ALA D 188 -12.76 39.89 10.42
C ALA D 188 -13.35 40.48 9.14
N ALA D 189 -13.90 39.67 8.25
CA ALA D 189 -14.44 40.20 6.98
C ALA D 189 -15.93 40.45 7.14
N CYS D 190 -16.63 39.60 7.87
CA CYS D 190 -18.11 39.55 7.84
C CYS D 190 -18.73 40.14 9.11
N PRO D 191 -19.39 41.32 9.00
CA PRO D 191 -19.90 42.03 10.17
C PRO D 191 -21.15 41.35 10.74
N ASP D 192 -21.81 40.52 9.95
CA ASP D 192 -23.01 39.80 10.45
C ASP D 192 -23.14 38.45 9.75
N LEU D 193 -23.88 37.54 10.38
CA LEU D 193 -24.01 36.14 9.90
C LEU D 193 -24.59 36.11 8.47
N PRO D 194 -25.63 36.90 8.12
CA PRO D 194 -26.07 36.94 6.74
C PRO D 194 -24.92 37.21 5.77
N THR D 195 -24.00 38.12 6.11
CA THR D 195 -22.85 38.48 5.24
C THR D 195 -21.87 37.31 5.21
N TYR D 196 -21.64 36.68 6.35
CA TYR D 196 -20.75 35.50 6.44
C TYR D 196 -21.24 34.47 5.44
N CYS D 197 -22.55 34.43 5.30
CA CYS D 197 -23.28 33.43 4.47
C CYS D 197 -23.06 33.67 2.96
N ARG D 198 -23.01 34.92 2.55
CA ARG D 198 -22.89 35.34 1.14
C ARG D 198 -21.44 35.14 0.70
N ALA D 199 -20.51 35.54 1.57
CA ALA D 199 -19.07 35.35 1.37
C ALA D 199 -18.79 33.87 1.08
N LEU D 200 -19.25 32.99 1.96
CA LEU D 200 -19.14 31.52 1.75
C LEU D 200 -19.62 31.20 0.32
N ARG D 201 -20.83 31.62 -0.05
CA ARG D 201 -21.39 31.44 -1.43
C ARG D 201 -20.49 32.13 -2.48
N ASN D 202 -20.13 33.38 -2.23
CA ASN D 202 -19.26 34.13 -3.15
C ASN D 202 -18.01 33.30 -3.45
N LEU D 203 -17.32 32.81 -2.41
CA LEU D 203 -16.09 31.98 -2.54
C LEU D 203 -16.38 30.70 -3.33
N GLY D 204 -17.63 30.22 -3.30
CA GLY D 204 -18.02 28.97 -3.98
C GLY D 204 -18.05 29.12 -5.50
N SER D 205 -18.01 30.36 -5.99
CA SER D 205 -18.06 30.70 -7.43
C SER D 205 -16.68 30.48 -8.06
N LEU D 206 -15.64 30.35 -7.25
CA LEU D 206 -14.29 30.04 -7.77
C LEU D 206 -14.04 28.53 -7.72
N LEU D 207 -15.03 27.73 -7.30
CA LEU D 207 -14.81 26.30 -6.95
C LEU D 207 -15.55 25.38 -7.91
N LYS D 208 -14.83 24.40 -8.42
CA LYS D 208 -15.41 23.24 -9.15
C LYS D 208 -16.57 22.68 -8.35
N PRO D 209 -17.62 22.16 -9.04
CA PRO D 209 -18.51 21.17 -8.45
C PRO D 209 -17.70 20.03 -7.80
N GLY D 210 -17.81 19.88 -6.48
CA GLY D 210 -17.03 18.89 -5.71
C GLY D 210 -15.72 19.46 -5.19
N GLY D 211 -15.52 20.79 -5.28
CA GLY D 211 -14.28 21.46 -4.83
C GLY D 211 -14.20 21.49 -3.33
N PHE D 212 -13.03 21.85 -2.78
CA PHE D 212 -12.78 21.84 -1.31
C PHE D 212 -12.83 23.25 -0.74
N LEU D 213 -13.52 23.39 0.39
CA LEU D 213 -13.54 24.68 1.12
C LEU D 213 -12.91 24.48 2.48
N VAL D 214 -11.65 24.87 2.63
CA VAL D 214 -10.87 24.74 3.88
C VAL D 214 -10.93 26.06 4.64
N ILE D 215 -11.46 26.04 5.86
CA ILE D 215 -11.65 27.29 6.66
C ILE D 215 -11.10 27.08 8.07
N MET D 216 -10.37 28.06 8.59
CA MET D 216 -9.85 27.97 9.96
C MET D 216 -10.00 29.31 10.67
N ASP D 217 -11.05 29.52 11.45
CA ASP D 217 -11.23 30.84 12.10
C ASP D 217 -11.47 30.67 13.60
N ALA D 218 -11.78 31.77 14.28
CA ALA D 218 -11.94 31.84 15.75
C ALA D 218 -13.39 31.58 16.13
N LEU D 219 -13.55 30.94 17.29
CA LEU D 219 -14.87 30.62 17.89
C LEU D 219 -15.17 31.58 19.05
N LYS D 220 -16.44 32.00 19.15
CA LYS D 220 -17.01 32.84 20.23
C LYS D 220 -16.08 33.99 20.61
N SER D 221 -15.99 35.01 19.73
CA SER D 221 -14.96 36.07 19.80
C SER D 221 -15.46 37.34 19.15
N SER D 222 -15.34 38.49 19.81
CA SER D 222 -15.87 39.79 19.31
C SER D 222 -14.78 40.73 18.83
N TYR D 223 -13.49 40.38 19.01
CA TYR D 223 -12.36 41.23 18.52
C TYR D 223 -11.03 40.45 18.50
N TYR D 224 -10.03 41.08 17.89
CA TYR D 224 -8.60 40.80 18.15
C TYR D 224 -7.79 42.10 18.05
N MET D 225 -6.58 42.09 18.63
CA MET D 225 -5.71 43.29 18.69
C MET D 225 -4.47 43.00 17.86
N ILE D 226 -3.98 44.03 17.18
CA ILE D 226 -2.62 44.03 16.55
C ILE D 226 -1.89 45.22 17.18
N GLY D 227 -1.18 44.97 18.27
CA GLY D 227 -0.60 46.07 19.06
C GLY D 227 -1.66 46.81 19.87
N GLU D 228 -1.82 48.11 19.63
CA GLU D 228 -2.89 48.90 20.28
C GLU D 228 -4.01 49.11 19.25
N GLN D 229 -3.87 48.52 18.07
CA GLN D 229 -4.93 48.61 17.02
C GLN D 229 -5.95 47.49 17.26
N LYS D 230 -7.21 47.89 17.35
CA LYS D 230 -8.31 46.95 17.67
C LYS D 230 -9.13 46.72 16.41
N PHE D 231 -9.50 45.48 16.16
CA PHE D 231 -10.34 45.09 15.00
C PHE D 231 -11.50 44.23 15.49
N SER D 232 -12.63 44.38 14.83
CA SER D 232 -13.85 43.60 15.15
C SER D 232 -13.62 42.13 14.80
N SER D 233 -14.52 41.27 15.26
CA SER D 233 -14.61 39.82 14.92
C SER D 233 -16.06 39.33 15.02
N LEU D 234 -16.47 38.44 14.13
CA LEU D 234 -17.87 37.90 14.16
C LEU D 234 -17.97 36.85 15.25
N PRO D 235 -18.78 37.08 16.30
CA PRO D 235 -18.80 36.15 17.42
C PRO D 235 -19.75 35.03 17.03
N LEU D 236 -19.25 34.02 16.32
CA LEU D 236 -20.09 32.88 15.89
C LEU D 236 -19.59 31.57 16.51
N GLY D 237 -20.47 30.57 16.52
CA GLY D 237 -20.23 29.29 17.20
C GLY D 237 -20.34 28.07 16.31
N ARG D 238 -20.07 26.93 16.93
CA ARG D 238 -20.02 25.60 16.29
C ARG D 238 -21.28 25.43 15.42
N GLU D 239 -22.47 25.66 15.99
CA GLU D 239 -23.78 25.42 15.32
C GLU D 239 -24.04 26.49 14.24
N ALA D 240 -23.52 27.70 14.40
CA ALA D 240 -23.74 28.83 13.46
C ALA D 240 -22.89 28.65 12.19
N VAL D 241 -21.58 28.37 12.34
CA VAL D 241 -20.67 28.12 11.19
C VAL D 241 -21.29 26.99 10.38
N GLU D 242 -21.54 25.86 11.04
CA GLU D 242 -22.09 24.62 10.45
C GLU D 242 -23.33 24.96 9.60
N ALA D 243 -24.34 25.63 10.19
CA ALA D 243 -25.60 26.03 9.52
C ALA D 243 -25.30 26.82 8.25
N ALA D 244 -24.39 27.79 8.31
CA ALA D 244 -24.12 28.74 7.20
C ALA D 244 -23.39 28.05 6.05
N VAL D 245 -22.63 27.00 6.32
CA VAL D 245 -21.90 26.24 5.27
C VAL D 245 -22.92 25.33 4.57
N LYS D 246 -23.85 24.73 5.32
CA LYS D 246 -24.90 23.88 4.71
C LYS D 246 -25.73 24.75 3.76
N GLU D 247 -26.11 25.95 4.19
CA GLU D 247 -26.95 26.84 3.35
C GLU D 247 -26.17 27.45 2.20
N ALA D 248 -24.85 27.44 2.27
CA ALA D 248 -23.99 28.10 1.28
C ALA D 248 -23.78 27.19 0.09
N GLY D 249 -24.10 25.91 0.22
CA GLY D 249 -24.06 24.97 -0.90
C GLY D 249 -22.94 23.98 -0.73
N TYR D 250 -22.61 23.68 0.52
CA TYR D 250 -21.49 22.76 0.83
C TYR D 250 -21.99 21.60 1.70
N THR D 251 -21.33 20.45 1.53
CA THR D 251 -21.45 19.27 2.43
C THR D 251 -20.25 19.33 3.38
N ILE D 252 -20.45 19.06 4.68
CA ILE D 252 -19.33 19.10 5.66
C ILE D 252 -18.63 17.74 5.72
N GLU D 253 -17.33 17.73 5.41
CA GLU D 253 -16.50 16.52 5.41
C GLU D 253 -15.82 16.35 6.77
N TRP D 254 -15.22 17.39 7.33
CA TRP D 254 -14.60 17.32 8.67
C TRP D 254 -14.80 18.63 9.40
N PHE D 255 -14.69 18.60 10.72
CA PHE D 255 -14.93 19.76 11.62
C PHE D 255 -14.18 19.52 12.91
N GLU D 256 -13.31 20.43 13.28
CA GLU D 256 -12.54 20.30 14.53
C GLU D 256 -12.77 21.52 15.39
N VAL D 257 -12.74 21.32 16.69
CA VAL D 257 -12.94 22.37 17.70
C VAL D 257 -11.85 22.22 18.74
N ILE D 258 -11.19 23.33 19.05
CA ILE D 258 -10.22 23.43 20.19
C ILE D 258 -10.71 24.55 21.12
N SER D 259 -10.46 24.40 22.41
CA SER D 259 -10.74 25.45 23.44
C SER D 259 -9.55 26.44 23.48
N GLN D 260 -8.37 26.07 22.95
CA GLN D 260 -7.14 26.90 22.94
C GLN D 260 -7.48 28.34 22.53
N SER D 261 -7.13 29.29 23.38
CA SER D 261 -7.44 30.72 23.22
C SER D 261 -6.18 31.56 23.07
N TYR D 262 -6.26 32.59 22.26
CA TYR D 262 -5.18 33.58 22.14
C TYR D 262 -4.99 34.25 23.49
N SER D 263 -3.83 34.90 23.63
CA SER D 263 -3.45 35.60 24.88
C SER D 263 -4.59 36.49 25.32
N SER D 264 -4.85 36.49 26.62
CA SER D 264 -5.94 37.29 27.24
C SER D 264 -5.82 38.72 26.73
N THR D 265 -4.60 39.24 26.59
CA THR D 265 -4.38 40.67 26.24
C THR D 265 -4.59 40.92 24.75
N MET D 266 -4.87 39.88 23.94
CA MET D 266 -5.00 40.05 22.46
C MET D 266 -6.44 39.80 21.97
N ALA D 267 -7.04 38.64 22.23
CA ALA D 267 -8.41 38.31 21.73
C ALA D 267 -9.27 37.81 22.87
N ASN D 268 -10.60 37.81 22.67
CA ASN D 268 -11.53 37.26 23.70
C ASN D 268 -12.18 35.98 23.18
N ASN D 269 -11.45 35.20 22.40
CA ASN D 269 -11.96 33.99 21.72
C ASN D 269 -12.00 32.85 22.73
N GLU D 270 -13.08 32.08 22.71
CA GLU D 270 -13.20 30.83 23.50
C GLU D 270 -12.54 29.68 22.75
N GLY D 271 -12.09 29.87 21.52
CA GLY D 271 -11.38 28.82 20.78
C GLY D 271 -11.19 29.14 19.32
N LEU D 272 -10.93 28.09 18.53
CA LEU D 272 -10.83 28.14 17.06
C LEU D 272 -11.54 26.93 16.48
N PHE D 273 -11.76 26.90 15.16
CA PHE D 273 -12.35 25.75 14.44
C PHE D 273 -11.63 25.57 13.11
N SER D 274 -11.61 24.34 12.61
CA SER D 274 -11.20 23.96 11.24
C SER D 274 -12.39 23.25 10.60
N LEU D 275 -12.63 23.48 9.31
CA LEU D 275 -13.48 22.54 8.57
C LEU D 275 -13.00 22.37 7.14
N VAL D 276 -13.32 21.21 6.59
CA VAL D 276 -13.32 20.97 5.12
C VAL D 276 -14.77 20.72 4.76
N ALA D 277 -15.23 21.49 3.80
CA ALA D 277 -16.56 21.35 3.21
C ALA D 277 -16.34 20.92 1.76
N ARG D 278 -17.35 20.29 1.16
CA ARG D 278 -17.28 19.97 -0.29
C ARG D 278 -18.44 20.67 -1.00
N LYS D 279 -18.16 21.29 -2.16
CA LYS D 279 -19.18 22.05 -2.92
C LYS D 279 -20.07 21.10 -3.69
N LEU D 280 -21.38 21.31 -3.57
CA LEU D 280 -22.40 20.49 -4.27
C LEU D 280 -22.57 20.99 -5.70
N SER D 281 -23.34 20.24 -6.50
CA SER D 281 -23.70 20.57 -7.91
C SER D 281 -24.96 21.46 -7.93
#